data_5XUU
#
_entry.id   5XUU
#
_cell.length_a   101.954
_cell.length_b   101.954
_cell.length_c   372.544
_cell.angle_alpha   90.00
_cell.angle_beta   90.00
_cell.angle_gamma   90.00
#
_symmetry.space_group_name_H-M   'P 41 21 2'
#
loop_
_entity.id
_entity.type
_entity.pdbx_description
1 polymer LbCpf1
2 polymer crRNA
3 polymer 'DNA (29-MER)'
4 polymer "DNA (5'-D(*CP*GP*TP*CP*CP*TP*CP*CP*A)-3')"
5 non-polymer 'MAGNESIUM ION'
6 non-polymer 1,2-ETHANEDIOL
7 non-polymer 'SODIUM ION'
8 water water
#
loop_
_entity_poly.entity_id
_entity_poly.type
_entity_poly.pdbx_seq_one_letter_code
_entity_poly.pdbx_strand_id
1 'polypeptide(L)'
;GSHMSKLEKFTNCYSLSKTLRFKAIPVGKTQENIDNKRLLVEDEKRAEDYKGVKKLLDRYYLSFINDVLHSIKLKNLNNY
ISLFRKKTRTEKENKELENLEINLRKEIAKAFKGNEGYKSLFKKDIIETILPEFLDDKDEIALVNSFNGFTTAFTGFFDN
RENMFSEEAKSTSIAFRCINENLTRYISNMDIFEKVDAIFDKHEVQEIKEKILNSDYDVEDFFEGEFFNFVLTQEGIDVY
NAIIGGFVTESGEKIKGLNEYINLYNQKTKQKLPKFKPLYKQVLSDRESLSFYGEGYTSDEEVLEVFRNTLNKNSEIFSS
IKKLEKLFKNFDEYSSAGIFVKNGPAISTISKDIFGEWNVIRDKWNAEYDDIHLKKKAVVTEKYEDDRRKSFKKIGSFSL
EQLQEYADADLSVVEKLKEIIIQKVDEIYKVYGSSEKLFDADFVLEKSLKKNDAVVAIMKDLLDSVKSFENYIKAFFGEG
KETNRDESFYGDFVLAYDILLKVDHIYDAIRNYVTQKPYSKDKFKLYFQNPQFMGGWDKDKETDYRATILRYGSKYYLAI
MDKKYAKCLQKIDKDDVNGNYEKINYKLLPGPNKMLPKVFFSKKWMAYYNPSEDIQKIYKNGTFKKGDMFNLNDCHKLID
FFKDSISRYPKWSNAYDFNFSETEKYKDIAGFYREVEEQGYKVSFESASKKEVDKLVEEGKLYMFQIYNKDFSDKSHGTP
NLHTMYFKLLFDENNHGQIRLSGGAELFMRRASLKKEELVVHPANSPIANKNPDNPKKTTTLSYDVYKDKRFSEDQYELH
IPIAINKCPKNIFKINTEVRVLLKHDDNPYVIGIDRGERNLLYIVVVDGKGNIVEQYSLNEIINNFNGIRIKTDYHSLLD
KKEKERFEARQNWTSIENIKELKAGYISQVVHKICELVEKYDAVIALEDLNSGFKNSRVKVEKQVYQKFEKMLIDKLNYM
VDKKSNPCATGGALKGYQITNKFESFKSMSTQNGFIFYIPAWLTSKIDPSTGFVNLLKTKYTSIADSKKFISSFDRIMYV
PEEDLFEFALDYKNFSRTDADYIKKWKLYSYGNRIRIFRNPKKNNVFDWEEVCLTSAYKELFNKYGINYQQGDIRALLCE
QSDKAFYSSFMALMSLMLQMRNSITGRTDVDFLISPVKNSDGIFYDSRNYEAQENAILPKNADANGAYNIARKVLWAIGQ
FKKAEDEKLDKVKIAISNKEWLEYAQTSVKH
;
A
2 'polyribonucleotide' AAUUUCUACUAAGUGUAGAUGGAAAUUAGGUGCGCUUGGC B
3 'polydeoxyribonucleotide'
;(DG)(DC)(DC)(DA)(DA)(DG)(DC)(DG)(DC)(DA)(DC)(DC)(DT)(DA)(DA)(DT)(DT)(DT)(DC)(DC)
(DT)(DG)(DG)(DA)(DG)(DG)(DA)(DC)(DG)
;
C
4 'polydeoxyribonucleotide' (DC)(DG)(DT)(DC)(DC)(DT)(DC)(DC)(DA) D
#
loop_
_chem_comp.id
_chem_comp.type
_chem_comp.name
_chem_comp.formula
A RNA linking ADENOSINE-5'-MONOPHOSPHATE 'C10 H14 N5 O7 P'
C RNA linking CYTIDINE-5'-MONOPHOSPHATE 'C9 H14 N3 O8 P'
DA DNA linking 2'-DEOXYADENOSINE-5'-MONOPHOSPHATE 'C10 H14 N5 O6 P'
DC DNA linking 2'-DEOXYCYTIDINE-5'-MONOPHOSPHATE 'C9 H14 N3 O7 P'
DG DNA linking 2'-DEOXYGUANOSINE-5'-MONOPHOSPHATE 'C10 H14 N5 O7 P'
DT DNA linking THYMIDINE-5'-MONOPHOSPHATE 'C10 H15 N2 O8 P'
EDO non-polymer 1,2-ETHANEDIOL 'C2 H6 O2'
G RNA linking GUANOSINE-5'-MONOPHOSPHATE 'C10 H14 N5 O8 P'
MG non-polymer 'MAGNESIUM ION' 'Mg 2'
NA non-polymer 'SODIUM ION' 'Na 1'
U RNA linking URIDINE-5'-MONOPHOSPHATE 'C9 H13 N2 O9 P'
#
# COMPACT_ATOMS: atom_id res chain seq x y z
N MET A 4 -31.10 22.06 -13.99
CA MET A 4 -30.27 21.57 -12.88
C MET A 4 -29.41 20.38 -13.29
N SER A 5 -28.26 20.23 -12.63
CA SER A 5 -27.38 19.08 -12.80
C SER A 5 -27.49 18.15 -11.59
N LYS A 6 -26.92 16.95 -11.73
CA LYS A 6 -26.96 16.05 -10.58
C LYS A 6 -25.92 16.41 -9.52
N LEU A 7 -24.80 17.01 -9.93
CA LEU A 7 -23.76 17.37 -8.97
C LEU A 7 -24.27 18.34 -7.91
N GLU A 8 -25.04 19.35 -8.33
CA GLU A 8 -25.35 20.42 -7.41
C GLU A 8 -26.27 19.99 -6.28
N LYS A 9 -26.88 18.82 -6.36
CA LYS A 9 -27.58 18.36 -5.17
C LYS A 9 -26.63 17.87 -4.07
N PHE A 10 -25.30 17.89 -4.30
CA PHE A 10 -24.39 17.25 -3.35
C PHE A 10 -23.41 18.20 -2.67
N THR A 11 -23.89 19.30 -2.12
CA THR A 11 -23.08 20.20 -1.32
C THR A 11 -23.54 20.14 0.13
N ASN A 12 -22.62 20.39 1.04
CA ASN A 12 -22.91 20.56 2.46
C ASN A 12 -23.53 19.29 3.06
N CYS A 13 -22.98 18.13 2.68
CA CYS A 13 -23.46 16.83 3.11
C CYS A 13 -22.79 16.33 4.38
N TYR A 14 -21.49 16.54 4.54
CA TYR A 14 -20.87 16.05 5.76
C TYR A 14 -19.60 16.82 6.08
N SER A 15 -19.18 16.68 7.32
CA SER A 15 -18.02 17.44 7.77
C SER A 15 -16.76 16.62 7.54
N LEU A 16 -15.65 17.33 7.40
CA LEU A 16 -14.35 16.71 7.32
C LEU A 16 -13.34 17.74 7.78
N SER A 17 -12.17 17.25 8.17
CA SER A 17 -11.05 18.09 8.59
C SER A 17 -9.88 17.94 7.62
N LYS A 18 -9.14 19.04 7.46
CA LYS A 18 -7.93 19.07 6.65
C LYS A 18 -6.90 19.93 7.38
N THR A 19 -5.65 19.89 6.88
CA THR A 19 -4.56 20.67 7.46
C THR A 19 -3.89 21.52 6.38
N LEU A 20 -3.74 22.81 6.65
CA LEU A 20 -3.00 23.68 5.78
C LEU A 20 -1.60 23.85 6.33
N ARG A 21 -0.62 23.95 5.45
CA ARG A 21 0.77 24.04 5.85
C ARG A 21 1.41 25.26 5.25
N PHE A 22 2.22 25.96 6.07
CA PHE A 22 2.89 27.17 5.65
C PHE A 22 4.30 27.23 6.21
N LYS A 23 5.16 27.95 5.48
CA LYS A 23 6.41 28.44 6.02
C LYS A 23 6.12 29.60 6.98
N ALA A 24 6.84 29.63 8.12
CA ALA A 24 6.75 30.73 9.09
C ALA A 24 8.07 31.50 9.07
N ILE A 25 8.02 32.74 8.58
CA ILE A 25 9.21 33.56 8.39
C ILE A 25 9.36 34.51 9.58
N PRO A 26 10.46 34.44 10.33
CA PRO A 26 10.65 35.37 11.46
C PRO A 26 10.76 36.82 11.01
N VAL A 27 10.13 37.72 11.78
CA VAL A 27 9.99 39.13 11.45
C VAL A 27 10.82 39.99 12.41
N GLY A 28 11.75 40.75 11.87
CA GLY A 28 12.45 41.72 12.68
C GLY A 28 13.44 41.06 13.60
N LYS A 29 13.30 41.31 14.90
CA LYS A 29 14.28 40.81 15.84
C LYS A 29 13.94 39.43 16.37
N THR A 30 12.79 38.86 15.98
CA THR A 30 12.34 37.61 16.59
C THR A 30 13.41 36.54 16.52
N GLN A 31 14.12 36.46 15.40
CA GLN A 31 15.10 35.38 15.28
C GLN A 31 16.24 35.56 16.25
N GLU A 32 16.80 36.77 16.31
CA GLU A 32 17.84 37.06 17.28
C GLU A 32 17.35 36.83 18.71
N ASN A 33 16.14 37.30 19.03
CA ASN A 33 15.60 37.08 20.35
C ASN A 33 15.37 35.60 20.64
N ILE A 34 14.93 34.83 19.63
CA ILE A 34 14.86 33.38 19.78
C ILE A 34 16.26 32.79 19.92
N ASP A 35 17.20 33.27 19.10
CA ASP A 35 18.60 32.85 19.24
C ASP A 35 19.13 33.07 20.65
N ASN A 36 18.97 34.30 21.17
CA ASN A 36 19.55 34.65 22.47
C ASN A 36 18.96 33.81 23.60
N LYS A 37 17.66 33.56 23.57
CA LYS A 37 17.04 32.78 24.63
C LYS A 37 17.22 31.28 24.45
N ARG A 38 17.80 30.84 23.33
CA ARG A 38 18.12 29.44 23.10
C ARG A 38 16.86 28.58 23.12
N LEU A 39 15.77 29.11 22.57
CA LEU A 39 14.51 28.37 22.59
C LEU A 39 14.57 27.12 21.72
N LEU A 40 15.27 27.17 20.58
CA LEU A 40 15.25 26.04 19.65
C LEU A 40 16.04 24.87 20.20
N VAL A 41 17.09 25.15 20.98
CA VAL A 41 17.88 24.08 21.57
C VAL A 41 17.06 23.33 22.60
N GLU A 42 16.37 24.07 23.46
CA GLU A 42 15.47 23.47 24.44
C GLU A 42 14.45 22.55 23.74
N ASP A 43 13.82 23.04 22.67
CA ASP A 43 12.80 22.23 21.99
C ASP A 43 13.38 20.99 21.32
N GLU A 44 14.60 21.07 20.78
CA GLU A 44 15.20 19.90 20.15
C GLU A 44 15.53 18.83 21.20
N LYS A 45 16.06 19.26 22.34
CA LYS A 45 16.30 18.33 23.44
C LYS A 45 14.99 17.72 23.93
N ARG A 46 13.97 18.57 24.11
CA ARG A 46 12.69 18.07 24.61
C ARG A 46 12.13 16.96 23.73
N ALA A 47 12.33 17.05 22.40
CA ALA A 47 11.78 16.03 21.51
C ALA A 47 12.47 14.70 21.72
N GLU A 48 13.79 14.73 21.92
CA GLU A 48 14.50 13.49 22.20
C GLU A 48 14.06 12.91 23.54
N ASP A 49 14.00 13.75 24.58
CA ASP A 49 13.57 13.28 25.89
C ASP A 49 12.12 12.79 25.86
N TYR A 50 11.28 13.46 25.07
CA TYR A 50 9.88 13.06 24.93
C TYR A 50 9.75 11.64 24.39
N LYS A 51 10.55 11.31 23.37
CA LYS A 51 10.56 9.95 22.83
C LYS A 51 11.08 8.96 23.87
N GLY A 52 12.07 9.37 24.66
CA GLY A 52 12.56 8.52 25.73
C GLY A 52 11.47 8.21 26.75
N VAL A 53 10.79 9.24 27.24
CA VAL A 53 9.72 9.03 28.22
C VAL A 53 8.62 8.16 27.63
N LYS A 54 8.29 8.39 26.36
CA LYS A 54 7.30 7.55 25.69
C LYS A 54 7.71 6.09 25.70
N LYS A 55 9.02 5.80 25.59
CA LYS A 55 9.50 4.42 25.69
C LYS A 55 9.38 3.90 27.12
N LEU A 56 9.69 4.71 28.13
CA LEU A 56 9.55 4.21 29.49
C LEU A 56 8.09 3.90 29.80
N LEU A 57 7.17 4.74 29.31
CA LEU A 57 5.75 4.48 29.52
C LEU A 57 5.31 3.16 28.88
N ASP A 58 5.76 2.87 27.65
CA ASP A 58 5.38 1.62 27.01
C ASP A 58 5.85 0.42 27.83
N ARG A 59 7.06 0.50 28.36
CA ARG A 59 7.56 -0.56 29.21
C ARG A 59 6.58 -0.82 30.37
N TYR A 60 5.97 0.23 30.90
CA TYR A 60 4.90 0.05 31.87
C TYR A 60 3.64 -0.56 31.23
N TYR A 61 3.09 0.12 30.22
CA TYR A 61 1.89 -0.40 29.56
C TYR A 61 2.06 -1.86 29.15
N LEU A 62 3.24 -2.24 28.65
CA LEU A 62 3.41 -3.62 28.22
C LEU A 62 3.34 -4.56 29.41
N SER A 63 4.05 -4.22 30.51
CA SER A 63 3.97 -5.05 31.70
C SER A 63 2.54 -5.16 32.20
N PHE A 64 1.78 -4.07 32.10
CA PHE A 64 0.37 -4.07 32.49
C PHE A 64 -0.43 -4.99 31.59
N ILE A 65 -0.18 -4.90 30.29
CA ILE A 65 -0.88 -5.72 29.32
C ILE A 65 -0.61 -7.20 29.57
N ASN A 66 0.67 -7.55 29.68
CA ASN A 66 1.03 -8.95 29.74
C ASN A 66 0.55 -9.60 31.03
N ASP A 67 0.38 -8.84 32.11
CA ASP A 67 -0.11 -9.44 33.34
C ASP A 67 -1.60 -9.73 33.23
N VAL A 68 -2.35 -8.84 32.62
CA VAL A 68 -3.76 -9.12 32.37
C VAL A 68 -3.88 -10.30 31.42
N LEU A 69 -3.21 -10.24 30.26
CA LEU A 69 -3.42 -11.26 29.24
C LEU A 69 -2.95 -12.63 29.71
N HIS A 70 -1.86 -12.69 30.49
CA HIS A 70 -1.40 -13.99 30.99
C HIS A 70 -2.41 -14.65 31.93
N SER A 71 -3.34 -13.88 32.48
CA SER A 71 -4.28 -14.36 33.50
C SER A 71 -5.71 -14.44 32.97
N ILE A 72 -5.87 -14.50 31.65
CA ILE A 72 -7.19 -14.48 31.04
C ILE A 72 -7.52 -15.88 30.59
N LYS A 73 -8.74 -16.33 30.91
CA LYS A 73 -9.33 -17.56 30.38
C LYS A 73 -10.63 -17.14 29.71
N LEU A 74 -10.66 -17.19 28.38
CA LEU A 74 -11.81 -16.68 27.64
C LEU A 74 -13.02 -17.60 27.83
N LYS A 75 -14.12 -17.02 28.30
CA LYS A 75 -15.31 -17.80 28.64
C LYS A 75 -16.07 -18.21 27.37
N ASN A 76 -16.48 -17.22 26.57
CA ASN A 76 -17.21 -17.44 25.33
C ASN A 76 -16.46 -18.33 24.33
N LEU A 77 -15.24 -18.76 24.66
CA LEU A 77 -14.31 -19.29 23.66
C LEU A 77 -14.86 -20.53 22.98
N ASN A 78 -15.23 -21.55 23.75
CA ASN A 78 -15.60 -22.81 23.13
C ASN A 78 -16.92 -22.71 22.36
N ASN A 79 -17.86 -21.87 22.81
CA ASN A 79 -19.09 -21.66 22.05
C ASN A 79 -18.81 -20.95 20.73
N TYR A 80 -17.88 -19.99 20.74
CA TYR A 80 -17.55 -19.27 19.53
C TYR A 80 -16.83 -20.16 18.53
N ILE A 81 -15.86 -20.94 18.99
CA ILE A 81 -15.12 -21.81 18.07
C ILE A 81 -16.05 -22.84 17.45
N SER A 82 -16.97 -23.39 18.24
CA SER A 82 -17.96 -24.31 17.72
C SER A 82 -18.75 -23.67 16.58
N LEU A 83 -19.46 -22.57 16.88
CA LEU A 83 -20.31 -21.90 15.89
C LEU A 83 -19.51 -21.40 14.70
N PHE A 84 -18.27 -20.92 14.95
CA PHE A 84 -17.40 -20.41 13.88
C PHE A 84 -17.07 -21.49 12.86
N ARG A 85 -16.92 -22.74 13.31
CA ARG A 85 -16.56 -23.81 12.39
C ARG A 85 -17.76 -24.46 11.72
N LYS A 86 -18.97 -24.13 12.15
CA LYS A 86 -20.17 -24.62 11.46
C LYS A 86 -20.14 -24.20 9.99
N LYS A 87 -20.52 -25.14 9.12
CA LYS A 87 -20.46 -24.92 7.69
C LYS A 87 -21.81 -24.63 7.06
N THR A 88 -22.89 -24.87 7.79
CA THR A 88 -24.24 -24.43 7.43
C THR A 88 -24.73 -23.61 8.60
N ARG A 89 -24.71 -22.29 8.46
CA ARG A 89 -25.22 -21.39 9.49
C ARG A 89 -26.47 -20.70 8.98
N THR A 90 -27.53 -20.75 9.76
CA THR A 90 -28.67 -19.89 9.48
C THR A 90 -28.29 -18.43 9.69
N GLU A 91 -29.12 -17.53 9.16
CA GLU A 91 -28.88 -16.11 9.37
C GLU A 91 -28.81 -15.78 10.86
N LYS A 92 -29.74 -16.34 11.65
CA LYS A 92 -29.74 -16.08 13.09
C LYS A 92 -28.49 -16.65 13.74
N GLU A 93 -27.91 -17.70 13.16
CA GLU A 93 -26.65 -18.22 13.70
C GLU A 93 -25.51 -17.27 13.39
N ASN A 94 -25.46 -16.74 12.16
CA ASN A 94 -24.51 -15.67 11.86
C ASN A 94 -24.60 -14.54 12.87
N LYS A 95 -25.82 -14.14 13.25
CA LYS A 95 -25.97 -13.06 14.22
C LYS A 95 -25.40 -13.47 15.58
N GLU A 96 -25.68 -14.71 16.00
CA GLU A 96 -25.13 -15.20 17.28
C GLU A 96 -23.61 -15.28 17.21
N LEU A 97 -23.05 -15.70 16.08
CA LEU A 97 -21.60 -15.65 15.91
C LEU A 97 -21.07 -14.24 16.13
N GLU A 98 -21.69 -13.23 15.52
CA GLU A 98 -21.25 -11.85 15.73
C GLU A 98 -21.37 -11.44 17.19
N ASN A 99 -22.42 -11.92 17.86
CA ASN A 99 -22.57 -11.56 19.27
C ASN A 99 -21.48 -12.21 20.10
N LEU A 100 -21.17 -13.49 19.85
CA LEU A 100 -20.08 -14.12 20.57
C LEU A 100 -18.74 -13.48 20.25
N GLU A 101 -18.59 -12.92 19.05
CA GLU A 101 -17.35 -12.22 18.75
C GLU A 101 -17.27 -10.93 19.54
N ILE A 102 -18.38 -10.18 19.59
CA ILE A 102 -18.41 -8.97 20.39
C ILE A 102 -18.13 -9.28 21.85
N ASN A 103 -18.82 -10.27 22.40
CA ASN A 103 -18.63 -10.61 23.81
C ASN A 103 -17.20 -11.02 24.10
N LEU A 104 -16.55 -11.71 23.16
CA LEU A 104 -15.16 -12.09 23.40
C LEU A 104 -14.27 -10.87 23.50
N ARG A 105 -14.56 -9.82 22.71
CA ARG A 105 -13.75 -8.62 22.80
C ARG A 105 -14.07 -7.84 24.08
N LYS A 106 -15.36 -7.73 24.44
CA LYS A 106 -15.72 -7.10 25.71
C LYS A 106 -15.06 -7.80 26.88
N GLU A 107 -14.86 -9.11 26.76
CA GLU A 107 -14.18 -9.87 27.81
C GLU A 107 -12.73 -9.39 27.96
N ILE A 108 -12.09 -9.06 26.84
CA ILE A 108 -10.72 -8.57 26.90
C ILE A 108 -10.68 -7.13 27.38
N ALA A 109 -11.59 -6.28 26.88
CA ALA A 109 -11.58 -4.87 27.26
C ALA A 109 -11.87 -4.70 28.75
N LYS A 110 -12.86 -5.44 29.27
CA LYS A 110 -13.19 -5.37 30.70
C LYS A 110 -12.04 -5.88 31.57
N ALA A 111 -11.28 -6.88 31.13
CA ALA A 111 -10.16 -7.34 31.94
C ALA A 111 -9.07 -6.26 32.09
N PHE A 112 -8.99 -5.33 31.14
CA PHE A 112 -8.10 -4.20 31.33
C PHE A 112 -8.81 -3.10 32.12
N LYS A 113 -9.97 -2.65 31.61
CA LYS A 113 -10.63 -1.48 32.17
C LYS A 113 -11.28 -1.73 33.53
N GLY A 114 -11.38 -2.99 33.96
CA GLY A 114 -11.92 -3.28 35.28
C GLY A 114 -10.94 -3.04 36.39
N ASN A 115 -9.68 -2.82 36.04
CA ASN A 115 -8.65 -2.41 36.98
C ASN A 115 -9.01 -1.07 37.62
N GLU A 116 -8.87 -0.98 38.94
CA GLU A 116 -9.14 0.28 39.63
C GLU A 116 -8.26 1.41 39.12
N GLY A 117 -6.98 1.14 38.92
CA GLY A 117 -6.08 2.17 38.46
C GLY A 117 -6.06 2.42 36.98
N TYR A 118 -6.97 1.81 36.22
CA TYR A 118 -6.93 1.95 34.77
C TYR A 118 -6.97 3.43 34.36
N LYS A 119 -7.87 4.21 34.95
CA LYS A 119 -8.02 5.60 34.57
C LYS A 119 -6.73 6.40 34.74
N SER A 120 -5.99 6.14 35.83
CA SER A 120 -4.77 6.89 36.10
C SER A 120 -3.66 6.59 35.10
N LEU A 121 -3.78 5.55 34.28
CA LEU A 121 -2.79 5.30 33.23
C LEU A 121 -2.81 6.34 32.13
N PHE A 122 -3.77 7.27 32.13
CA PHE A 122 -3.84 8.28 31.08
C PHE A 122 -4.02 9.70 31.62
N LYS A 123 -3.76 9.94 32.91
CA LYS A 123 -3.68 11.27 33.48
C LYS A 123 -2.23 11.48 33.97
N LYS A 124 -1.97 12.61 34.63
CA LYS A 124 -0.61 12.92 35.03
C LYS A 124 -0.07 11.93 36.05
N ASP A 125 -0.95 11.15 36.69
CA ASP A 125 -0.51 10.18 37.69
C ASP A 125 0.53 9.21 37.13
N ILE A 126 0.44 8.87 35.84
CA ILE A 126 1.36 7.87 35.32
C ILE A 126 2.77 8.45 35.21
N ILE A 127 2.88 9.75 34.87
CA ILE A 127 4.20 10.39 34.82
C ILE A 127 4.63 10.83 36.20
N GLU A 128 3.72 11.45 36.96
CA GLU A 128 4.06 11.99 38.26
CA GLU A 128 4.07 12.00 38.26
C GLU A 128 4.47 10.89 39.22
N THR A 129 3.62 9.87 39.36
CA THR A 129 3.79 8.83 40.38
C THR A 129 4.09 7.44 39.81
N ILE A 130 3.18 6.89 39.00
CA ILE A 130 3.20 5.46 38.70
C ILE A 130 4.53 5.05 38.08
N LEU A 131 4.89 5.66 36.95
CA LEU A 131 6.08 5.22 36.24
C LEU A 131 7.36 5.35 37.07
N PRO A 132 7.56 6.40 37.88
CA PRO A 132 8.77 6.43 38.73
C PRO A 132 8.85 5.29 39.73
N GLU A 133 7.75 4.98 40.44
CA GLU A 133 7.79 3.89 41.40
C GLU A 133 8.09 2.55 40.73
N PHE A 134 7.69 2.41 39.47
CA PHE A 134 7.93 1.20 38.69
C PHE A 134 9.36 1.09 38.19
N LEU A 135 10.10 2.19 38.10
CA LEU A 135 11.44 2.18 37.53
C LEU A 135 12.49 2.04 38.63
N ASP A 136 13.71 1.69 38.21
CA ASP A 136 14.85 1.52 39.10
C ASP A 136 16.01 2.43 38.77
N ASP A 137 16.31 2.64 37.50
CA ASP A 137 17.43 3.47 37.10
C ASP A 137 17.22 4.91 37.55
N LYS A 138 18.23 5.49 38.20
CA LYS A 138 18.14 6.88 38.62
C LYS A 138 17.97 7.79 37.41
N ASP A 139 18.74 7.53 36.34
CA ASP A 139 18.69 8.39 35.18
C ASP A 139 17.35 8.28 34.44
N GLU A 140 16.83 7.07 34.29
CA GLU A 140 15.50 6.92 33.70
C GLU A 140 14.46 7.67 34.52
N ILE A 141 14.52 7.58 35.85
CA ILE A 141 13.55 8.26 36.69
C ILE A 141 13.68 9.78 36.56
N ALA A 142 14.91 10.28 36.50
CA ALA A 142 15.08 11.72 36.33
C ALA A 142 14.59 12.17 34.96
N LEU A 143 14.69 11.33 33.94
CA LEU A 143 14.16 11.73 32.63
C LEU A 143 12.65 11.93 32.71
N VAL A 144 11.96 10.98 33.33
CA VAL A 144 10.51 11.08 33.52
C VAL A 144 10.17 12.33 34.33
N ASN A 145 10.89 12.55 35.43
CA ASN A 145 10.56 13.69 36.29
C ASN A 145 10.67 15.01 35.55
N SER A 146 11.55 15.09 34.54
CA SER A 146 11.75 16.34 33.82
C SER A 146 10.49 16.81 33.10
N PHE A 147 9.46 15.96 32.98
CA PHE A 147 8.19 16.36 32.39
C PHE A 147 7.11 16.63 33.41
N ASN A 148 7.46 16.70 34.70
CA ASN A 148 6.51 17.23 35.67
C ASN A 148 6.13 18.66 35.29
N GLY A 149 4.85 18.99 35.46
CA GLY A 149 4.36 20.27 35.00
C GLY A 149 4.27 20.39 33.50
N PHE A 150 4.45 19.29 32.77
CA PHE A 150 4.40 19.32 31.32
C PHE A 150 3.63 18.12 30.76
N THR A 151 2.80 17.46 31.56
CA THR A 151 2.19 16.21 31.12
C THR A 151 1.10 16.45 30.09
N THR A 152 0.54 17.67 30.00
CA THR A 152 -0.36 17.99 28.91
C THR A 152 0.28 17.67 27.56
N ALA A 153 1.62 17.73 27.48
CA ALA A 153 2.26 17.45 26.20
C ALA A 153 2.06 16.01 25.76
N PHE A 154 1.43 15.17 26.60
CA PHE A 154 1.25 13.74 26.35
C PHE A 154 -0.20 13.39 26.03
N THR A 155 -1.07 14.38 25.81
CA THR A 155 -2.50 14.10 25.73
C THR A 155 -2.80 13.18 24.55
N GLY A 156 -2.22 13.48 23.38
CA GLY A 156 -2.44 12.64 22.21
C GLY A 156 -1.89 11.23 22.38
N PHE A 157 -0.67 11.12 22.94
CA PHE A 157 -0.07 9.81 23.21
C PHE A 157 -0.94 8.97 24.12
N PHE A 158 -1.63 9.61 25.07
CA PHE A 158 -2.53 8.86 25.95
C PHE A 158 -3.75 8.36 25.19
N ASP A 159 -4.24 9.13 24.22
CA ASP A 159 -5.29 8.63 23.34
C ASP A 159 -4.80 7.42 22.54
N ASN A 160 -3.58 7.50 21.99
CA ASN A 160 -3.06 6.37 21.21
C ASN A 160 -2.98 5.12 22.07
N ARG A 161 -2.64 5.30 23.35
CA ARG A 161 -2.56 4.14 24.25
C ARG A 161 -3.96 3.68 24.65
N GLU A 162 -4.88 4.62 24.90
CA GLU A 162 -6.27 4.25 25.19
C GLU A 162 -6.83 3.33 24.12
N ASN A 163 -6.59 3.67 22.85
CA ASN A 163 -7.09 2.90 21.72
C ASN A 163 -6.77 1.41 21.85
N MET A 164 -5.67 1.09 22.51
CA MET A 164 -5.26 -0.30 22.64
C MET A 164 -6.28 -1.12 23.42
N PHE A 165 -7.06 -0.49 24.30
CA PHE A 165 -7.97 -1.17 25.21
C PHE A 165 -9.43 -1.05 24.77
N SER A 166 -9.69 -0.48 23.61
CA SER A 166 -11.05 -0.49 23.11
C SER A 166 -11.56 -1.92 22.95
N GLU A 167 -12.86 -2.07 23.16
CA GLU A 167 -13.57 -3.31 22.88
C GLU A 167 -14.05 -3.38 21.45
N GLU A 168 -14.01 -2.27 20.72
CA GLU A 168 -14.60 -2.24 19.39
C GLU A 168 -13.71 -2.96 18.39
N ALA A 169 -14.33 -3.44 17.31
CA ALA A 169 -13.59 -4.06 16.23
C ALA A 169 -12.77 -3.02 15.46
N LYS A 170 -11.83 -2.37 16.13
CA LYS A 170 -11.03 -1.32 15.52
C LYS A 170 -9.57 -1.74 15.48
N SER A 171 -8.90 -1.35 14.41
CA SER A 171 -7.64 -1.96 14.02
C SER A 171 -6.56 -1.80 15.07
N THR A 172 -6.54 -0.68 15.79
CA THR A 172 -5.49 -0.52 16.80
C THR A 172 -5.80 -1.18 18.15
N SER A 173 -6.87 -1.95 18.28
CA SER A 173 -7.27 -2.52 19.57
C SER A 173 -6.64 -3.88 19.82
N ILE A 174 -6.11 -4.08 21.04
CA ILE A 174 -5.65 -5.40 21.49
C ILE A 174 -6.73 -6.46 21.25
N ALA A 175 -7.97 -6.18 21.69
CA ALA A 175 -9.06 -7.14 21.51
C ALA A 175 -9.24 -7.49 20.05
N PHE A 176 -9.14 -6.50 19.16
CA PHE A 176 -9.32 -6.77 17.74
C PHE A 176 -8.22 -7.69 17.25
N ARG A 177 -6.99 -7.41 17.69
CA ARG A 177 -5.85 -8.27 17.30
C ARG A 177 -6.05 -9.69 17.80
N CYS A 178 -6.61 -9.85 19.01
CA CYS A 178 -6.72 -11.17 19.62
C CYS A 178 -7.80 -12.01 18.94
N ILE A 179 -8.96 -11.40 18.73
CA ILE A 179 -10.18 -12.12 18.40
C ILE A 179 -10.47 -12.07 16.92
N ASN A 180 -10.56 -10.86 16.35
CA ASN A 180 -10.85 -10.76 14.93
C ASN A 180 -9.71 -11.31 14.09
N GLU A 181 -8.45 -11.07 14.50
CA GLU A 181 -7.33 -11.46 13.65
C GLU A 181 -6.69 -12.78 14.09
N ASN A 182 -6.14 -12.85 15.30
CA ASN A 182 -5.36 -14.04 15.62
C ASN A 182 -6.25 -15.26 15.90
N LEU A 183 -7.37 -15.07 16.61
CA LEU A 183 -8.28 -16.22 16.76
C LEU A 183 -8.80 -16.72 15.41
N THR A 184 -8.91 -15.86 14.40
CA THR A 184 -9.44 -16.36 13.13
C THR A 184 -8.42 -17.25 12.44
N ARG A 185 -7.15 -16.85 12.46
CA ARG A 185 -6.08 -17.67 11.92
C ARG A 185 -5.90 -18.97 12.71
N TYR A 186 -5.92 -18.87 14.05
CA TYR A 186 -5.81 -20.05 14.90
C TYR A 186 -6.89 -21.09 14.57
N ILE A 187 -8.12 -20.63 14.35
CA ILE A 187 -9.19 -21.55 14.01
C ILE A 187 -8.99 -22.11 12.61
N SER A 188 -8.59 -21.26 11.66
CA SER A 188 -8.30 -21.79 10.32
C SER A 188 -7.16 -22.80 10.36
N ASN A 189 -6.18 -22.59 11.24
CA ASN A 189 -5.09 -23.56 11.37
C ASN A 189 -5.55 -24.88 11.98
N MET A 190 -6.49 -24.86 12.93
CA MET A 190 -7.05 -26.11 13.45
C MET A 190 -7.61 -27.00 12.34
N ASP A 191 -8.35 -26.41 11.40
CA ASP A 191 -8.86 -27.20 10.29
C ASP A 191 -7.71 -27.79 9.47
N ILE A 192 -6.70 -26.98 9.16
CA ILE A 192 -5.57 -27.46 8.39
C ILE A 192 -4.81 -28.55 9.16
N PHE A 193 -4.73 -28.43 10.48
CA PHE A 193 -4.10 -29.50 11.25
C PHE A 193 -4.86 -30.81 11.08
N GLU A 194 -6.19 -30.78 11.18
CA GLU A 194 -6.93 -32.02 11.03
C GLU A 194 -6.75 -32.62 9.65
N LYS A 195 -6.56 -31.80 8.61
CA LYS A 195 -6.34 -32.38 7.29
C LYS A 195 -4.92 -32.92 7.14
N VAL A 196 -3.92 -32.18 7.61
CA VAL A 196 -2.52 -32.47 7.27
C VAL A 196 -1.82 -33.34 8.31
N ASP A 197 -2.40 -33.49 9.50
CA ASP A 197 -1.87 -34.22 10.64
C ASP A 197 -1.00 -35.43 10.29
N ALA A 198 -1.49 -36.28 9.37
CA ALA A 198 -0.89 -37.58 9.16
C ALA A 198 0.47 -37.49 8.49
N ILE A 199 0.75 -36.40 7.77
CA ILE A 199 1.99 -36.26 7.04
C ILE A 199 3.22 -36.23 7.92
N PHE A 200 3.08 -35.88 9.20
CA PHE A 200 4.23 -35.71 10.09
C PHE A 200 4.56 -37.02 10.80
N ASP A 201 5.81 -37.47 10.67
CA ASP A 201 6.19 -38.71 11.32
C ASP A 201 6.57 -38.46 12.78
N LYS A 202 6.79 -39.55 13.51
CA LYS A 202 6.99 -39.46 14.95
C LYS A 202 8.22 -38.63 15.28
N HIS A 203 9.28 -38.74 14.47
CA HIS A 203 10.53 -38.05 14.77
C HIS A 203 10.35 -36.54 14.69
N GLU A 204 9.70 -36.08 13.62
CA GLU A 204 9.58 -34.65 13.38
C GLU A 204 8.71 -33.97 14.44
N VAL A 205 7.63 -34.63 14.84
CA VAL A 205 6.79 -34.12 15.93
C VAL A 205 7.57 -34.08 17.23
N GLN A 206 8.40 -35.11 17.46
CA GLN A 206 9.23 -35.14 18.66
C GLN A 206 10.29 -34.04 18.62
N GLU A 207 10.85 -33.75 17.43
CA GLU A 207 11.88 -32.71 17.33
C GLU A 207 11.29 -31.34 17.65
N ILE A 208 10.10 -31.06 17.15
CA ILE A 208 9.45 -29.80 17.48
C ILE A 208 9.12 -29.76 18.97
N LYS A 209 8.70 -30.88 19.52
CA LYS A 209 8.41 -30.93 20.95
C LYS A 209 9.65 -30.63 21.78
N GLU A 210 10.79 -31.24 21.43
CA GLU A 210 11.98 -31.10 22.26
C GLU A 210 12.62 -29.73 22.09
N LYS A 211 12.79 -29.28 20.85
CA LYS A 211 13.56 -28.06 20.60
C LYS A 211 12.73 -26.79 20.57
N ILE A 212 11.40 -26.89 20.52
CA ILE A 212 10.55 -25.71 20.34
C ILE A 212 9.50 -25.65 21.44
N LEU A 213 9.04 -26.80 21.92
CA LEU A 213 8.00 -26.83 22.92
C LEU A 213 8.55 -27.10 24.31
N ASN A 214 9.87 -27.11 24.48
CA ASN A 214 10.52 -27.38 25.76
C ASN A 214 10.09 -28.70 26.37
N SER A 215 9.48 -29.58 25.58
CA SER A 215 8.97 -30.89 26.04
C SER A 215 7.85 -30.75 27.08
N ASP A 216 7.18 -29.59 27.13
CA ASP A 216 6.04 -29.38 28.01
C ASP A 216 4.71 -29.48 27.29
N TYR A 217 4.72 -29.78 25.99
CA TYR A 217 3.49 -29.75 25.21
C TYR A 217 3.64 -30.69 24.02
N ASP A 218 2.50 -31.16 23.54
CA ASP A 218 2.46 -31.84 22.26
C ASP A 218 2.06 -30.85 21.19
N VAL A 219 2.63 -31.03 19.99
CA VAL A 219 2.34 -30.14 18.88
C VAL A 219 0.83 -30.03 18.65
N GLU A 220 0.12 -31.15 18.79
CA GLU A 220 -1.33 -31.18 18.58
C GLU A 220 -2.06 -30.26 19.55
N ASP A 221 -1.49 -29.98 20.73
CA ASP A 221 -2.17 -29.13 21.70
C ASP A 221 -2.45 -27.75 21.15
N PHE A 222 -1.56 -27.22 20.33
CA PHE A 222 -1.75 -25.89 19.80
C PHE A 222 -2.68 -25.87 18.62
N PHE A 223 -3.46 -26.94 18.45
CA PHE A 223 -4.49 -27.02 17.42
C PHE A 223 -5.79 -27.53 18.01
N GLU A 224 -5.93 -27.44 19.33
CA GLU A 224 -7.17 -27.60 20.05
C GLU A 224 -7.67 -26.24 20.52
N GLY A 225 -9.00 -26.08 20.57
CA GLY A 225 -9.57 -24.77 20.85
C GLY A 225 -9.20 -24.23 22.22
N GLU A 226 -9.06 -25.11 23.22
CA GLU A 226 -8.85 -24.66 24.58
C GLU A 226 -7.47 -24.02 24.77
N PHE A 227 -6.53 -24.26 23.88
CA PHE A 227 -5.14 -23.81 24.03
C PHE A 227 -4.92 -22.40 23.53
N PHE A 228 -5.96 -21.76 23.01
CA PHE A 228 -5.75 -20.47 22.38
C PHE A 228 -5.32 -19.40 23.37
N ASN A 229 -5.68 -19.55 24.65
CA ASN A 229 -5.26 -18.57 25.64
C ASN A 229 -3.75 -18.53 25.78
N PHE A 230 -3.05 -19.61 25.41
CA PHE A 230 -1.60 -19.62 25.44
C PHE A 230 -1.01 -18.60 24.48
N VAL A 231 -1.79 -18.15 23.51
CA VAL A 231 -1.28 -17.48 22.34
C VAL A 231 -1.66 -15.99 22.35
N LEU A 232 -2.13 -15.50 23.50
CA LEU A 232 -2.53 -14.10 23.62
C LEU A 232 -1.35 -13.16 23.84
N THR A 233 -0.23 -13.65 24.36
CA THR A 233 0.95 -12.84 24.59
C THR A 233 2.02 -13.22 23.58
N GLN A 234 2.89 -12.24 23.29
CA GLN A 234 3.98 -12.45 22.33
C GLN A 234 4.73 -13.74 22.62
N GLU A 235 4.93 -14.04 23.90
CA GLU A 235 5.59 -15.28 24.29
C GLU A 235 4.98 -16.46 23.56
N GLY A 236 3.68 -16.67 23.74
CA GLY A 236 3.03 -17.82 23.15
C GLY A 236 2.94 -17.72 21.64
N ILE A 237 2.78 -16.49 21.12
CA ILE A 237 2.75 -16.30 19.67
C ILE A 237 4.07 -16.76 19.06
N ASP A 238 5.19 -16.40 19.70
CA ASP A 238 6.50 -16.85 19.22
C ASP A 238 6.56 -18.37 19.14
N VAL A 239 6.22 -19.06 20.23
CA VAL A 239 6.25 -20.52 20.23
C VAL A 239 5.36 -21.06 19.12
N TYR A 240 4.15 -20.51 19.01
CA TYR A 240 3.21 -21.02 18.00
C TYR A 240 3.74 -20.77 16.58
N ASN A 241 4.28 -19.58 16.30
CA ASN A 241 4.83 -19.37 14.97
C ASN A 241 6.08 -20.23 14.73
N ALA A 242 6.77 -20.67 15.80
CA ALA A 242 7.93 -21.54 15.63
C ALA A 242 7.52 -22.98 15.29
N ILE A 243 6.43 -23.48 15.88
CA ILE A 243 5.84 -24.73 15.42
C ILE A 243 5.64 -24.69 13.92
N ILE A 244 5.12 -23.58 13.42
CA ILE A 244 4.78 -23.46 12.00
C ILE A 244 6.03 -23.26 11.15
N GLY A 245 6.94 -22.42 11.61
CA GLY A 245 8.07 -22.03 10.79
C GLY A 245 9.46 -22.50 11.20
N GLY A 246 9.59 -23.11 12.36
CA GLY A 246 10.93 -23.49 12.81
C GLY A 246 11.77 -22.29 13.25
N PHE A 247 13.05 -22.56 13.49
CA PHE A 247 13.98 -21.55 13.96
C PHE A 247 15.38 -21.97 13.57
N VAL A 248 16.33 -21.06 13.80
CA VAL A 248 17.75 -21.26 13.48
C VAL A 248 18.54 -21.28 14.78
N THR A 249 19.30 -22.34 15.00
CA THR A 249 20.08 -22.55 16.22
C THR A 249 21.33 -21.67 16.22
N GLU A 250 22.04 -21.67 17.37
CA GLU A 250 23.26 -20.87 17.48
C GLU A 250 24.31 -21.31 16.45
N SER A 251 24.29 -22.59 16.09
CA SER A 251 25.24 -23.15 15.13
C SER A 251 24.78 -23.00 13.68
N GLY A 252 23.59 -22.44 13.43
CA GLY A 252 23.10 -22.22 12.09
C GLY A 252 22.16 -23.29 11.55
N GLU A 253 21.93 -24.37 12.29
CA GLU A 253 21.02 -25.40 11.82
C GLU A 253 19.59 -24.86 11.80
N LYS A 254 18.91 -25.05 10.67
CA LYS A 254 17.52 -24.60 10.52
C LYS A 254 16.60 -25.76 10.89
N ILE A 255 15.96 -25.66 12.05
CA ILE A 255 15.00 -26.66 12.51
C ILE A 255 13.68 -26.44 11.79
N LYS A 256 13.14 -27.51 11.21
CA LYS A 256 12.00 -27.39 10.34
C LYS A 256 10.72 -27.23 11.15
N GLY A 257 9.86 -26.34 10.68
CA GLY A 257 8.50 -26.22 11.19
C GLY A 257 7.51 -26.97 10.30
N LEU A 258 6.24 -26.93 10.71
CA LEU A 258 5.23 -27.76 10.07
C LEU A 258 5.07 -27.39 8.61
N ASN A 259 5.16 -26.10 8.30
CA ASN A 259 4.96 -25.68 6.92
C ASN A 259 6.09 -26.18 6.04
N GLU A 260 7.31 -26.29 6.56
CA GLU A 260 8.39 -26.88 5.80
C GLU A 260 8.09 -28.35 5.50
N TYR A 261 7.63 -29.09 6.50
CA TYR A 261 7.30 -30.49 6.27
C TYR A 261 6.15 -30.63 5.28
N ILE A 262 5.14 -29.74 5.36
CA ILE A 262 4.08 -29.79 4.35
C ILE A 262 4.63 -29.53 2.96
N ASN A 263 5.50 -28.52 2.82
CA ASN A 263 6.04 -28.22 1.50
C ASN A 263 6.86 -29.37 0.95
N LEU A 264 7.71 -29.98 1.78
CA LEU A 264 8.51 -31.12 1.34
C LEU A 264 7.62 -32.26 0.87
N TYR A 265 6.58 -32.55 1.65
CA TYR A 265 5.68 -33.63 1.28
C TYR A 265 4.98 -33.31 -0.04
N ASN A 266 4.45 -32.11 -0.17
CA ASN A 266 3.88 -31.68 -1.44
C ASN A 266 4.88 -31.86 -2.57
N GLN A 267 6.10 -31.37 -2.39
CA GLN A 267 7.06 -31.42 -3.47
C GLN A 267 7.49 -32.84 -3.78
N LYS A 268 7.39 -33.73 -2.80
CA LYS A 268 7.80 -35.12 -3.00
C LYS A 268 6.71 -35.95 -3.67
N THR A 269 5.44 -35.66 -3.36
CA THR A 269 4.32 -36.41 -3.91
C THR A 269 3.61 -35.69 -5.05
N LYS A 270 4.08 -34.51 -5.45
CA LYS A 270 3.39 -33.68 -6.43
C LYS A 270 1.94 -33.39 -6.01
N GLN A 271 1.65 -33.42 -4.71
CA GLN A 271 0.38 -32.98 -4.18
C GLN A 271 0.44 -31.50 -3.84
N LYS A 272 -0.63 -31.00 -3.20
CA LYS A 272 -0.79 -29.57 -2.93
C LYS A 272 -1.60 -29.37 -1.66
N LEU A 273 -1.11 -29.86 -0.52
CA LEU A 273 -1.82 -29.67 0.73
C LEU A 273 -1.65 -28.24 1.24
N PRO A 274 -2.61 -27.73 2.00
CA PRO A 274 -2.54 -26.33 2.42
C PRO A 274 -1.55 -26.12 3.57
N LYS A 275 -0.99 -24.91 3.63
CA LYS A 275 -0.05 -24.55 4.67
C LYS A 275 -0.72 -23.69 5.73
N PHE A 276 -0.08 -23.61 6.89
CA PHE A 276 -0.60 -22.89 8.05
C PHE A 276 -0.33 -21.39 7.92
N LYS A 277 -1.18 -20.58 8.60
CA LYS A 277 -0.83 -19.17 8.62
C LYS A 277 -0.26 -18.80 9.98
N PRO A 278 0.80 -17.99 10.03
CA PRO A 278 1.35 -17.55 11.31
C PRO A 278 0.50 -16.46 11.95
N LEU A 279 0.54 -16.39 13.27
CA LEU A 279 -0.23 -15.36 13.97
C LEU A 279 0.45 -14.00 13.92
N TYR A 280 -0.36 -12.95 13.90
CA TYR A 280 0.17 -11.58 13.95
C TYR A 280 0.78 -11.27 15.33
N LYS A 281 1.50 -10.16 15.41
CA LYS A 281 2.19 -9.86 16.65
C LYS A 281 1.22 -9.31 17.69
N GLN A 282 1.60 -9.44 18.96
CA GLN A 282 0.79 -8.79 19.98
CA GLN A 282 0.86 -8.80 20.06
C GLN A 282 1.13 -7.30 20.04
N VAL A 283 0.09 -6.50 20.25
CA VAL A 283 0.27 -5.06 20.24
C VAL A 283 1.25 -4.64 21.33
N LEU A 284 2.17 -3.76 20.97
CA LEU A 284 3.17 -3.19 21.89
C LEU A 284 4.20 -4.20 22.38
N SER A 285 4.26 -5.39 21.81
CA SER A 285 5.28 -6.33 22.25
C SER A 285 6.66 -5.88 21.75
N ASP A 286 7.68 -6.08 22.58
CA ASP A 286 9.07 -5.91 22.18
C ASP A 286 9.53 -7.28 21.70
N ARG A 287 9.56 -7.46 20.38
CA ARG A 287 9.82 -8.78 19.83
C ARG A 287 11.31 -9.06 19.75
N GLU A 288 11.72 -10.20 20.31
CA GLU A 288 13.03 -10.80 20.12
C GLU A 288 12.84 -12.15 19.43
N SER A 289 13.53 -12.36 18.32
CA SER A 289 13.34 -13.57 17.54
C SER A 289 13.84 -14.80 18.28
N LEU A 290 13.26 -15.95 17.95
CA LEU A 290 13.75 -17.23 18.44
C LEU A 290 14.88 -17.81 17.60
N SER A 291 15.18 -17.22 16.45
CA SER A 291 16.31 -17.66 15.63
C SER A 291 17.55 -16.84 15.97
N PHE A 292 18.70 -17.50 15.98
CA PHE A 292 19.98 -16.84 16.19
C PHE A 292 20.43 -16.13 14.92
N TYR A 293 21.13 -15.01 15.10
CA TYR A 293 21.70 -14.28 13.98
C TYR A 293 22.87 -13.48 14.55
N GLY A 294 24.03 -13.61 13.92
CA GLY A 294 25.26 -13.09 14.50
C GLY A 294 25.27 -11.58 14.58
N GLU A 295 26.26 -11.07 15.31
CA GLU A 295 26.40 -9.63 15.49
C GLU A 295 26.94 -9.00 14.22
N GLY A 296 26.39 -7.84 13.87
CA GLY A 296 26.79 -7.10 12.70
C GLY A 296 27.86 -6.07 12.99
N TYR A 297 28.03 -5.16 12.04
CA TYR A 297 29.00 -4.09 12.13
C TYR A 297 28.30 -2.76 12.39
N THR A 298 29.01 -1.85 13.04
CA THR A 298 28.37 -0.65 13.54
C THR A 298 29.06 0.65 13.14
N SER A 299 30.12 0.59 12.32
CA SER A 299 30.80 1.80 11.90
C SER A 299 31.56 1.53 10.61
N ASP A 300 31.75 2.59 9.81
CA ASP A 300 32.56 2.47 8.60
C ASP A 300 33.95 1.92 8.92
N GLU A 301 34.57 2.39 10.00
CA GLU A 301 35.94 1.96 10.29
C GLU A 301 35.97 0.47 10.57
N GLU A 302 34.96 -0.04 11.27
CA GLU A 302 34.93 -1.46 11.59
C GLU A 302 34.80 -2.29 10.30
N VAL A 303 33.95 -1.84 9.38
CA VAL A 303 33.75 -2.55 8.11
C VAL A 303 35.04 -2.61 7.31
N LEU A 304 35.72 -1.47 7.17
CA LEU A 304 36.96 -1.46 6.40
C LEU A 304 38.02 -2.35 7.04
N GLU A 305 38.05 -2.42 8.37
CA GLU A 305 39.04 -3.25 9.03
C GLU A 305 38.71 -4.72 8.83
N VAL A 306 37.44 -5.10 9.00
CA VAL A 306 37.04 -6.47 8.72
C VAL A 306 37.34 -6.83 7.27
N PHE A 307 36.98 -5.92 6.34
CA PHE A 307 37.19 -6.21 4.92
C PHE A 307 38.65 -6.43 4.60
N ARG A 308 39.56 -5.75 5.30
CA ARG A 308 40.98 -5.88 5.00
C ARG A 308 41.67 -6.99 5.79
N ASN A 309 41.26 -7.22 7.03
CA ASN A 309 41.82 -8.34 7.79
C ASN A 309 41.48 -9.67 7.13
N THR A 310 40.30 -9.77 6.53
CA THR A 310 39.76 -11.05 6.11
C THR A 310 39.87 -11.29 4.61
N LEU A 311 40.40 -10.33 3.85
CA LEU A 311 40.37 -10.44 2.39
C LEU A 311 41.61 -9.87 1.71
N ASN A 312 42.68 -9.60 2.45
CA ASN A 312 43.90 -9.21 1.75
C ASN A 312 44.58 -10.46 1.19
N LYS A 313 45.56 -10.23 0.31
CA LYS A 313 46.28 -11.36 -0.30
C LYS A 313 46.77 -12.34 0.77
N ASN A 314 47.28 -11.82 1.88
CA ASN A 314 47.85 -12.64 2.95
C ASN A 314 46.80 -13.11 3.97
N SER A 315 45.54 -12.73 3.81
CA SER A 315 44.50 -13.24 4.70
C SER A 315 44.29 -14.72 4.45
N GLU A 316 43.72 -15.40 5.46
CA GLU A 316 43.55 -16.84 5.34
C GLU A 316 42.55 -17.19 4.23
N ILE A 317 41.51 -16.37 4.06
CA ILE A 317 40.51 -16.69 3.05
C ILE A 317 41.12 -16.67 1.65
N PHE A 318 41.96 -15.66 1.36
CA PHE A 318 42.71 -15.68 0.11
C PHE A 318 43.57 -16.93 0.00
N SER A 319 44.31 -17.28 1.06
CA SER A 319 45.16 -18.46 1.02
C SER A 319 44.34 -19.73 0.76
N SER A 320 43.14 -19.79 1.34
CA SER A 320 42.27 -20.95 1.13
C SER A 320 41.87 -21.08 -0.34
N ILE A 321 41.80 -19.96 -1.06
CA ILE A 321 41.53 -20.03 -2.48
C ILE A 321 42.76 -20.49 -3.23
N LYS A 322 43.95 -20.01 -2.83
CA LYS A 322 45.18 -20.38 -3.51
C LYS A 322 45.51 -21.85 -3.28
N LYS A 323 44.94 -22.46 -2.23
CA LYS A 323 45.03 -23.89 -2.05
C LYS A 323 44.03 -24.63 -2.95
N LEU A 324 42.75 -24.26 -2.82
CA LEU A 324 41.70 -24.89 -3.63
C LEU A 324 41.99 -24.76 -5.11
N GLU A 325 42.69 -23.70 -5.52
CA GLU A 325 43.10 -23.56 -6.92
C GLU A 325 44.20 -24.56 -7.25
N LYS A 326 45.31 -24.49 -6.51
CA LYS A 326 46.41 -25.41 -6.74
C LYS A 326 45.96 -26.85 -6.64
N LEU A 327 44.98 -27.13 -5.79
CA LEU A 327 44.47 -28.49 -5.68
C LEU A 327 43.79 -28.93 -6.98
N PHE A 328 42.74 -28.20 -7.39
CA PHE A 328 42.07 -28.52 -8.64
C PHE A 328 43.06 -28.52 -9.81
N LYS A 329 43.93 -27.51 -9.86
CA LYS A 329 44.93 -27.44 -10.92
C LYS A 329 45.79 -28.69 -11.00
N ASN A 330 45.81 -29.50 -9.94
CA ASN A 330 46.49 -30.79 -9.96
C ASN A 330 45.49 -31.92 -9.68
N PHE A 331 44.46 -32.02 -10.52
CA PHE A 331 43.41 -33.01 -10.33
C PHE A 331 43.90 -34.45 -10.49
N ASP A 332 44.89 -34.68 -11.37
CA ASP A 332 45.18 -36.04 -11.81
C ASP A 332 45.81 -36.91 -10.73
N GLU A 333 46.41 -36.33 -9.69
CA GLU A 333 46.97 -37.16 -8.64
C GLU A 333 45.92 -37.79 -7.74
N TYR A 334 44.64 -37.50 -7.95
CA TYR A 334 43.53 -38.05 -7.18
C TYR A 334 42.62 -38.85 -8.11
N SER A 335 42.08 -39.96 -7.59
CA SER A 335 41.30 -40.87 -8.43
C SER A 335 39.90 -40.31 -8.67
N SER A 336 39.53 -40.22 -9.95
CA SER A 336 38.23 -39.68 -10.32
C SER A 336 37.08 -40.50 -9.74
N ALA A 337 37.33 -41.73 -9.31
CA ALA A 337 36.27 -42.52 -8.71
C ALA A 337 35.96 -42.11 -7.28
N GLY A 338 36.79 -41.25 -6.69
CA GLY A 338 36.70 -40.93 -5.28
C GLY A 338 36.26 -39.52 -4.94
N ILE A 339 36.01 -38.68 -5.95
CA ILE A 339 35.58 -37.29 -5.76
C ILE A 339 34.15 -37.16 -6.29
N PHE A 340 33.25 -36.67 -5.43
CA PHE A 340 31.82 -36.85 -5.67
C PHE A 340 31.05 -35.54 -5.70
N VAL A 341 30.01 -35.51 -6.53
CA VAL A 341 29.09 -34.38 -6.65
C VAL A 341 27.74 -34.84 -6.11
N LYS A 342 27.30 -34.24 -5.01
CA LYS A 342 26.06 -34.68 -4.40
C LYS A 342 24.90 -34.51 -5.38
N ASN A 343 23.95 -35.45 -5.33
CA ASN A 343 22.79 -35.37 -6.21
C ASN A 343 21.83 -34.32 -5.67
N GLY A 344 21.47 -33.36 -6.51
CA GLY A 344 20.64 -32.25 -6.12
C GLY A 344 21.11 -30.99 -6.81
N PRO A 345 21.08 -29.86 -6.09
CA PRO A 345 21.63 -28.62 -6.65
C PRO A 345 23.07 -28.72 -7.11
N ALA A 346 23.88 -29.53 -6.42
CA ALA A 346 25.29 -29.67 -6.77
C ALA A 346 25.45 -30.26 -8.16
N ILE A 347 24.60 -31.22 -8.53
CA ILE A 347 24.71 -31.80 -9.87
C ILE A 347 24.12 -30.83 -10.91
N SER A 348 23.14 -30.03 -10.52
CA SER A 348 22.59 -29.00 -11.41
C SER A 348 23.64 -27.93 -11.71
N THR A 349 24.27 -27.37 -10.67
CA THR A 349 25.40 -26.47 -10.87
C THR A 349 26.42 -27.05 -11.83
N ILE A 350 26.92 -28.25 -11.51
CA ILE A 350 27.98 -28.86 -12.29
C ILE A 350 27.50 -29.23 -13.69
N SER A 351 26.23 -29.59 -13.84
CA SER A 351 25.71 -29.85 -15.16
C SER A 351 25.79 -28.61 -16.04
N LYS A 352 25.43 -27.45 -15.47
CA LYS A 352 25.40 -26.23 -16.26
C LYS A 352 26.81 -25.76 -16.62
N ASP A 353 27.74 -25.76 -15.67
CA ASP A 353 29.08 -25.26 -15.95
C ASP A 353 29.79 -26.06 -17.03
N ILE A 354 29.43 -27.32 -17.22
CA ILE A 354 30.15 -28.21 -18.12
C ILE A 354 29.36 -28.52 -19.38
N PHE A 355 28.04 -28.64 -19.26
CA PHE A 355 27.20 -28.91 -20.43
C PHE A 355 26.29 -27.75 -20.80
N GLY A 356 26.39 -26.63 -20.11
CA GLY A 356 25.59 -25.48 -20.42
C GLY A 356 24.21 -25.47 -19.82
N GLU A 357 23.67 -26.63 -19.44
CA GLU A 357 22.32 -26.67 -18.90
C GLU A 357 22.26 -27.56 -17.65
N TRP A 358 21.40 -27.17 -16.71
CA TRP A 358 21.29 -27.87 -15.44
C TRP A 358 20.81 -29.30 -15.63
N ASN A 359 19.88 -29.53 -16.56
CA ASN A 359 19.19 -30.80 -16.67
C ASN A 359 19.92 -31.82 -17.53
N VAL A 360 21.10 -31.48 -18.08
CA VAL A 360 21.74 -32.36 -19.04
C VAL A 360 22.18 -33.67 -18.38
N ILE A 361 22.72 -33.62 -17.16
CA ILE A 361 23.18 -34.85 -16.53
C ILE A 361 21.99 -35.75 -16.21
N ARG A 362 20.90 -35.19 -15.68
CA ARG A 362 19.69 -35.97 -15.51
C ARG A 362 19.22 -36.54 -16.84
N ASP A 363 19.35 -35.77 -17.92
CA ASP A 363 18.94 -36.25 -19.24
C ASP A 363 19.78 -37.44 -19.69
N LYS A 364 21.12 -37.32 -19.60
CA LYS A 364 21.98 -38.43 -20.01
C LYS A 364 21.71 -39.67 -19.16
N TRP A 365 21.48 -39.47 -17.86
CA TRP A 365 21.12 -40.59 -16.99
C TRP A 365 19.84 -41.26 -17.44
N ASN A 366 18.81 -40.46 -17.75
CA ASN A 366 17.55 -41.01 -18.24
C ASN A 366 17.76 -41.84 -19.50
N ALA A 367 18.59 -41.34 -20.43
CA ALA A 367 18.83 -42.09 -21.67
C ALA A 367 19.43 -43.47 -21.40
N GLU A 368 20.35 -43.56 -20.43
CA GLU A 368 20.95 -44.86 -20.16
C GLU A 368 20.01 -45.76 -19.37
N TYR A 369 19.15 -45.16 -18.55
CA TYR A 369 18.07 -45.92 -17.94
C TYR A 369 17.20 -46.56 -19.01
N ASP A 370 16.75 -45.75 -19.99
CA ASP A 370 15.90 -46.25 -21.06
C ASP A 370 16.58 -47.36 -21.84
N ASP A 371 17.90 -47.28 -22.00
CA ASP A 371 18.60 -48.35 -22.71
C ASP A 371 18.37 -49.70 -22.05
N ILE A 372 18.15 -49.73 -20.74
CA ILE A 372 17.90 -50.99 -20.05
C ILE A 372 16.41 -51.33 -20.00
N HIS A 373 15.57 -50.33 -19.72
CA HIS A 373 14.16 -50.58 -19.40
C HIS A 373 13.25 -50.19 -20.59
N LEU A 374 13.35 -50.95 -21.68
CA LEU A 374 12.53 -50.64 -22.88
C LEU A 374 12.43 -51.79 -23.89
N VAL A 380 1.63 -46.76 -20.55
CA VAL A 380 2.30 -47.13 -19.32
C VAL A 380 3.18 -45.98 -18.85
N THR A 381 3.54 -45.09 -19.80
CA THR A 381 4.61 -44.11 -19.62
C THR A 381 4.37 -43.13 -18.47
N GLU A 382 3.23 -43.20 -17.79
CA GLU A 382 3.02 -42.37 -16.61
C GLU A 382 3.80 -42.92 -15.42
N LYS A 383 3.76 -44.24 -15.22
CA LYS A 383 4.55 -44.84 -14.15
C LYS A 383 6.03 -44.81 -14.51
N TYR A 384 6.38 -45.22 -15.73
CA TYR A 384 7.75 -45.30 -16.21
C TYR A 384 8.54 -44.05 -15.83
N GLU A 385 8.12 -42.89 -16.35
CA GLU A 385 8.81 -41.65 -16.03
C GLU A 385 8.87 -41.42 -14.52
N ASP A 386 7.88 -41.92 -13.78
CA ASP A 386 7.87 -41.72 -12.34
C ASP A 386 8.69 -42.77 -11.63
N ASP A 387 8.52 -44.05 -11.97
CA ASP A 387 9.42 -45.09 -11.49
C ASP A 387 10.86 -44.72 -11.77
N ARG A 388 11.14 -44.24 -12.97
CA ARG A 388 12.50 -43.82 -13.30
C ARG A 388 12.92 -42.60 -12.49
N ARG A 389 12.00 -41.66 -12.25
CA ARG A 389 12.36 -40.51 -11.41
C ARG A 389 12.67 -40.96 -9.99
N LYS A 390 11.91 -41.93 -9.50
CA LYS A 390 12.18 -42.49 -8.17
C LYS A 390 13.56 -43.12 -8.12
N SER A 391 13.85 -44.03 -9.05
CA SER A 391 15.14 -44.70 -9.09
C SER A 391 16.29 -43.70 -9.16
N PHE A 392 16.13 -42.63 -9.96
CA PHE A 392 17.14 -41.58 -9.99
C PHE A 392 17.20 -40.81 -8.68
N LYS A 393 16.06 -40.71 -7.97
CA LYS A 393 16.05 -40.02 -6.68
C LYS A 393 16.80 -40.82 -5.62
N LYS A 394 16.83 -42.15 -5.76
CA LYS A 394 17.51 -43.01 -4.81
C LYS A 394 19.04 -42.88 -4.87
N ILE A 395 19.60 -42.15 -5.85
CA ILE A 395 21.04 -41.95 -5.97
C ILE A 395 21.46 -40.74 -5.16
N GLY A 396 22.46 -40.93 -4.29
CA GLY A 396 22.89 -39.84 -3.44
C GLY A 396 24.02 -39.00 -4.01
N SER A 397 24.84 -39.58 -4.87
CA SER A 397 26.09 -38.95 -5.26
C SER A 397 26.44 -39.37 -6.67
N PHE A 398 27.40 -38.65 -7.26
CA PHE A 398 27.90 -38.96 -8.59
C PHE A 398 29.38 -38.63 -8.64
N SER A 399 30.21 -39.64 -8.80
CA SER A 399 31.65 -39.46 -8.86
C SER A 399 32.05 -38.66 -10.09
N LEU A 400 33.29 -38.19 -10.08
CA LEU A 400 33.83 -37.54 -11.27
C LEU A 400 34.08 -38.55 -12.38
N GLU A 401 34.59 -39.73 -12.04
CA GLU A 401 34.77 -40.78 -13.05
C GLU A 401 33.43 -41.15 -13.67
N GLN A 402 32.38 -41.30 -12.85
CA GLN A 402 31.07 -41.64 -13.41
C GLN A 402 30.61 -40.58 -14.39
N LEU A 403 30.85 -39.31 -14.07
CA LEU A 403 30.42 -38.24 -14.95
C LEU A 403 31.14 -38.28 -16.29
N GLN A 404 32.42 -38.67 -16.31
CA GLN A 404 33.14 -38.72 -17.56
C GLN A 404 32.48 -39.64 -18.57
N GLU A 405 31.71 -40.63 -18.10
CA GLU A 405 30.87 -41.45 -18.98
C GLU A 405 30.04 -40.57 -19.90
N TYR A 406 29.47 -39.50 -19.35
CA TYR A 406 28.55 -38.65 -20.08
C TYR A 406 29.26 -37.62 -20.96
N ALA A 407 30.55 -37.40 -20.74
CA ALA A 407 31.32 -36.50 -21.60
C ALA A 407 31.27 -37.00 -23.04
N ASP A 408 31.41 -36.07 -23.98
CA ASP A 408 31.47 -36.42 -25.39
C ASP A 408 32.88 -36.25 -25.92
N ALA A 409 33.16 -36.97 -27.02
CA ALA A 409 34.50 -37.17 -27.58
C ALA A 409 35.51 -36.05 -27.34
N ASP A 410 35.12 -34.81 -27.66
CA ASP A 410 36.01 -33.68 -27.44
C ASP A 410 36.09 -33.28 -25.97
N LEU A 411 34.99 -33.42 -25.23
CA LEU A 411 34.95 -33.02 -23.83
C LEU A 411 35.78 -33.95 -22.95
N SER A 412 36.43 -33.38 -21.94
CA SER A 412 36.94 -34.13 -20.79
C SER A 412 36.56 -33.38 -19.53
N VAL A 413 35.75 -34.02 -18.68
CA VAL A 413 35.14 -33.35 -17.54
C VAL A 413 36.21 -32.70 -16.65
N VAL A 414 37.20 -33.49 -16.21
CA VAL A 414 38.19 -32.96 -15.29
C VAL A 414 38.88 -31.75 -15.90
N GLU A 415 39.30 -31.88 -17.15
CA GLU A 415 39.96 -30.77 -17.80
C GLU A 415 39.03 -29.57 -17.89
N LYS A 416 37.74 -29.81 -18.14
CA LYS A 416 36.78 -28.71 -18.20
C LYS A 416 36.60 -28.04 -16.84
N LEU A 417 36.57 -28.83 -15.77
CA LEU A 417 36.47 -28.26 -14.43
C LEU A 417 37.62 -27.30 -14.15
N LYS A 418 38.86 -27.75 -14.34
CA LYS A 418 39.98 -26.92 -13.96
C LYS A 418 40.05 -25.63 -14.80
N GLU A 419 39.51 -25.63 -16.01
CA GLU A 419 39.34 -24.36 -16.72
C GLU A 419 38.41 -23.45 -15.94
N ILE A 420 37.28 -23.98 -15.48
CA ILE A 420 36.28 -23.18 -14.80
C ILE A 420 36.87 -22.58 -13.53
N ILE A 421 37.70 -23.34 -12.82
CA ILE A 421 38.26 -22.78 -11.60
C ILE A 421 39.30 -21.72 -11.91
N ILE A 422 40.06 -21.87 -13.00
CA ILE A 422 40.95 -20.79 -13.41
C ILE A 422 40.13 -19.58 -13.87
N GLN A 423 39.04 -19.83 -14.59
CA GLN A 423 38.20 -18.72 -15.04
C GLN A 423 37.68 -17.91 -13.88
N LYS A 424 37.33 -18.58 -12.77
CA LYS A 424 36.79 -17.89 -11.61
C LYS A 424 37.87 -17.31 -10.73
N VAL A 425 39.05 -17.91 -10.71
CA VAL A 425 40.16 -17.34 -9.96
C VAL A 425 40.71 -16.11 -10.67
N ASP A 426 40.82 -16.17 -12.00
CA ASP A 426 41.24 -14.99 -12.76
C ASP A 426 40.26 -13.85 -12.58
N GLU A 427 38.95 -14.17 -12.48
CA GLU A 427 37.97 -13.15 -12.17
C GLU A 427 38.21 -12.55 -10.80
N ILE A 428 38.67 -13.36 -9.85
CA ILE A 428 38.95 -12.83 -8.51
C ILE A 428 40.14 -11.88 -8.56
N TYR A 429 41.27 -12.33 -9.14
CA TYR A 429 42.41 -11.44 -9.34
C TYR A 429 41.98 -10.15 -10.04
N LYS A 430 41.25 -10.28 -11.15
CA LYS A 430 40.80 -9.12 -11.92
C LYS A 430 40.21 -8.06 -10.99
N VAL A 431 39.33 -8.47 -10.09
CA VAL A 431 38.70 -7.52 -9.19
C VAL A 431 39.70 -6.97 -8.16
N TYR A 432 40.78 -7.69 -7.86
CA TYR A 432 41.75 -7.18 -6.90
C TYR A 432 42.50 -5.98 -7.45
N GLY A 433 42.83 -5.99 -8.75
CA GLY A 433 43.52 -4.86 -9.33
C GLY A 433 42.74 -3.56 -9.21
N SER A 434 41.41 -3.65 -9.23
CA SER A 434 40.57 -2.49 -8.99
C SER A 434 40.44 -2.18 -7.50
N SER A 435 40.78 -3.13 -6.63
CA SER A 435 40.74 -2.94 -5.19
C SER A 435 42.11 -2.64 -4.60
N GLU A 436 43.06 -2.17 -5.42
CA GLU A 436 44.42 -1.94 -4.93
C GLU A 436 44.42 -0.89 -3.83
N LYS A 437 43.93 0.32 -4.14
CA LYS A 437 44.03 1.43 -3.20
C LYS A 437 43.25 1.17 -1.92
N LEU A 438 42.18 0.36 -2.00
CA LEU A 438 41.34 0.13 -0.83
C LEU A 438 42.02 -0.73 0.23
N PHE A 439 43.09 -1.45 -0.12
CA PHE A 439 43.83 -2.24 0.84
C PHE A 439 44.98 -1.47 1.47
N ASP A 440 45.31 -0.29 0.95
CA ASP A 440 46.41 0.49 1.49
C ASP A 440 46.18 0.76 2.97
N ALA A 441 47.26 0.70 3.76
CA ALA A 441 47.18 1.10 5.15
C ALA A 441 46.90 2.59 5.28
N ASP A 442 47.41 3.39 4.34
CA ASP A 442 47.23 4.83 4.35
C ASP A 442 45.87 5.28 3.82
N PHE A 443 45.03 4.36 3.34
CA PHE A 443 43.76 4.78 2.75
C PHE A 443 42.77 5.19 3.83
N VAL A 444 42.18 6.37 3.66
CA VAL A 444 41.01 6.79 4.43
C VAL A 444 40.00 7.38 3.46
N LEU A 445 38.72 7.09 3.67
CA LEU A 445 37.71 7.45 2.68
C LEU A 445 37.14 8.83 2.96
N GLU A 446 37.02 9.63 1.91
CA GLU A 446 36.39 10.94 2.04
C GLU A 446 34.93 10.79 2.40
N LYS A 447 34.17 10.07 1.59
CA LYS A 447 32.73 9.95 1.79
C LYS A 447 32.38 8.78 2.70
N SER A 448 31.31 8.95 3.46
CA SER A 448 30.77 7.89 4.29
C SER A 448 30.35 6.68 3.45
N LEU A 449 30.52 5.48 4.00
CA LEU A 449 30.24 4.27 3.23
C LEU A 449 28.78 4.22 2.78
N LYS A 450 27.86 4.72 3.59
CA LYS A 450 26.47 4.71 3.12
C LYS A 450 26.18 5.84 2.14
N LYS A 451 27.19 6.62 1.74
CA LYS A 451 27.06 7.58 0.66
C LYS A 451 28.16 7.45 -0.38
N ASN A 452 29.02 6.44 -0.28
CA ASN A 452 30.19 6.28 -1.13
C ASN A 452 29.97 5.08 -2.03
N ASP A 453 29.26 5.30 -3.14
CA ASP A 453 28.98 4.21 -4.08
C ASP A 453 30.26 3.62 -4.69
N ALA A 454 31.30 4.42 -4.86
CA ALA A 454 32.50 3.93 -5.53
C ALA A 454 33.24 2.91 -4.69
N VAL A 455 33.36 3.16 -3.39
CA VAL A 455 34.07 2.23 -2.53
C VAL A 455 33.26 0.96 -2.34
N VAL A 456 31.95 1.10 -2.21
CA VAL A 456 31.08 -0.06 -1.97
C VAL A 456 31.08 -0.98 -3.18
N ALA A 457 31.14 -0.42 -4.39
CA ALA A 457 31.18 -1.26 -5.59
C ALA A 457 32.44 -2.10 -5.61
N ILE A 458 33.57 -1.53 -5.17
CA ILE A 458 34.81 -2.30 -5.09
C ILE A 458 34.66 -3.42 -4.08
N MET A 459 34.07 -3.13 -2.92
CA MET A 459 33.91 -4.14 -1.89
C MET A 459 32.96 -5.24 -2.33
N LYS A 460 31.81 -4.86 -2.93
CA LYS A 460 30.83 -5.85 -3.34
C LYS A 460 31.34 -6.68 -4.52
N ASP A 461 32.06 -6.07 -5.45
CA ASP A 461 32.59 -6.84 -6.59
C ASP A 461 33.58 -7.89 -6.12
N LEU A 462 34.42 -7.55 -5.15
CA LEU A 462 35.33 -8.53 -4.57
C LEU A 462 34.55 -9.64 -3.86
N LEU A 463 33.65 -9.27 -2.94
CA LEU A 463 32.88 -10.27 -2.21
C LEU A 463 32.11 -11.17 -3.18
N ASP A 464 31.52 -10.61 -4.23
CA ASP A 464 30.75 -11.42 -5.16
C ASP A 464 31.63 -12.49 -5.81
N SER A 465 32.78 -12.10 -6.34
CA SER A 465 33.64 -13.09 -7.00
C SER A 465 34.01 -14.22 -6.05
N VAL A 466 34.25 -13.91 -4.77
CA VAL A 466 34.59 -14.95 -3.80
C VAL A 466 33.40 -15.86 -3.54
N LYS A 467 32.20 -15.27 -3.49
CA LYS A 467 30.98 -16.06 -3.39
C LYS A 467 30.79 -16.98 -4.61
N SER A 468 31.02 -16.43 -5.81
CA SER A 468 30.88 -17.22 -7.03
C SER A 468 31.80 -18.43 -7.00
N PHE A 469 33.05 -18.22 -6.58
CA PHE A 469 34.00 -19.33 -6.39
C PHE A 469 33.49 -20.31 -5.35
N GLU A 470 32.89 -19.81 -4.27
CA GLU A 470 32.50 -20.68 -3.16
C GLU A 470 31.34 -21.60 -3.55
N ASN A 471 30.40 -21.10 -4.34
CA ASN A 471 29.29 -21.94 -4.73
C ASN A 471 29.72 -23.04 -5.69
N TYR A 472 30.71 -22.76 -6.54
CA TYR A 472 31.24 -23.78 -7.43
C TYR A 472 31.96 -24.87 -6.63
N ILE A 473 32.84 -24.46 -5.72
CA ILE A 473 33.54 -25.39 -4.83
C ILE A 473 32.57 -26.32 -4.12
N LYS A 474 31.49 -25.76 -3.56
CA LYS A 474 30.61 -26.55 -2.71
C LYS A 474 30.02 -27.77 -3.42
N ALA A 475 29.93 -27.73 -4.75
CA ALA A 475 29.36 -28.87 -5.45
C ALA A 475 30.28 -30.10 -5.41
N PHE A 476 31.57 -29.90 -5.13
CA PHE A 476 32.57 -30.95 -5.09
C PHE A 476 32.64 -31.66 -3.75
N PHE A 477 31.81 -31.27 -2.78
CA PHE A 477 31.85 -31.96 -1.49
C PHE A 477 31.18 -33.34 -1.57
N GLY A 478 30.26 -33.51 -2.50
CA GLY A 478 29.53 -34.76 -2.57
C GLY A 478 28.63 -34.96 -1.35
N GLU A 479 28.05 -36.16 -1.28
CA GLU A 479 27.35 -36.55 -0.07
C GLU A 479 28.30 -36.56 1.11
N GLY A 480 29.51 -37.09 0.91
CA GLY A 480 30.54 -37.18 1.91
C GLY A 480 30.64 -38.55 2.54
N LYS A 481 29.50 -39.20 2.76
CA LYS A 481 29.41 -40.55 3.30
C LYS A 481 29.85 -41.63 2.30
N GLU A 482 30.57 -41.26 1.24
CA GLU A 482 31.00 -42.23 0.23
C GLU A 482 32.15 -43.08 0.76
N THR A 483 32.05 -44.38 0.52
CA THR A 483 33.11 -45.31 0.89
C THR A 483 34.33 -45.16 -0.01
N ASN A 484 34.10 -44.98 -1.31
CA ASN A 484 35.20 -44.82 -2.26
C ASN A 484 35.96 -43.52 -2.07
N ARG A 485 35.47 -42.61 -1.24
CA ARG A 485 35.92 -41.22 -1.24
C ARG A 485 37.42 -41.09 -0.98
N ASP A 486 38.07 -40.25 -1.79
CA ASP A 486 39.52 -40.05 -1.83
C ASP A 486 39.88 -39.05 -0.72
N GLU A 487 40.17 -39.57 0.47
CA GLU A 487 40.50 -38.69 1.60
C GLU A 487 41.83 -37.96 1.43
N SER A 488 42.63 -38.32 0.43
CA SER A 488 43.82 -37.51 0.11
C SER A 488 43.46 -36.26 -0.66
N PHE A 489 42.24 -36.19 -1.19
CA PHE A 489 41.60 -34.99 -1.70
C PHE A 489 40.72 -34.33 -0.64
N TYR A 490 39.81 -35.09 -0.04
CA TYR A 490 38.84 -34.54 0.91
C TYR A 490 39.51 -33.82 2.07
N GLY A 491 40.44 -34.50 2.77
CA GLY A 491 41.08 -33.96 3.96
C GLY A 491 41.50 -32.49 3.87
N ASP A 492 42.31 -32.17 2.85
CA ASP A 492 42.74 -30.80 2.65
C ASP A 492 41.62 -29.93 2.06
N PHE A 493 40.88 -30.48 1.09
CA PHE A 493 39.76 -29.74 0.49
C PHE A 493 38.76 -29.29 1.55
N VAL A 494 38.53 -30.13 2.57
CA VAL A 494 37.58 -29.78 3.61
C VAL A 494 38.18 -28.74 4.56
N LEU A 495 39.48 -28.81 4.80
CA LEU A 495 40.13 -27.77 5.60
C LEU A 495 40.02 -26.41 4.92
N ALA A 496 40.21 -26.37 3.61
CA ALA A 496 40.15 -25.10 2.89
C ALA A 496 38.71 -24.64 2.67
N TYR A 497 37.78 -25.57 2.44
CA TYR A 497 36.37 -25.18 2.29
C TYR A 497 35.82 -24.61 3.58
N ASP A 498 36.16 -25.21 4.72
CA ASP A 498 35.64 -24.72 5.99
C ASP A 498 36.13 -23.32 6.31
N ILE A 499 37.36 -22.98 5.92
CA ILE A 499 37.80 -21.62 6.19
C ILE A 499 37.19 -20.66 5.17
N LEU A 500 36.94 -21.12 3.95
CA LEU A 500 36.27 -20.26 2.98
C LEU A 500 34.86 -19.91 3.44
N LEU A 501 34.11 -20.87 4.00
CA LEU A 501 32.75 -20.62 4.44
C LEU A 501 32.64 -19.43 5.39
N LYS A 502 33.75 -19.04 6.03
CA LYS A 502 33.73 -17.86 6.90
C LYS A 502 33.35 -16.59 6.14
N VAL A 503 33.41 -16.62 4.80
CA VAL A 503 32.99 -15.48 4.01
C VAL A 503 31.48 -15.30 4.01
N ASP A 504 30.74 -16.22 4.62
CA ASP A 504 29.29 -16.11 4.60
C ASP A 504 28.78 -15.06 5.57
N HIS A 505 29.24 -15.09 6.82
CA HIS A 505 28.85 -14.06 7.77
C HIS A 505 29.38 -12.69 7.37
N ILE A 506 30.57 -12.66 6.74
CA ILE A 506 31.17 -11.40 6.33
C ILE A 506 30.33 -10.75 5.23
N TYR A 507 29.97 -11.54 4.22
CA TYR A 507 29.13 -11.03 3.14
C TYR A 507 27.82 -10.48 3.68
N ASP A 508 27.11 -11.29 4.46
CA ASP A 508 25.85 -10.84 5.06
C ASP A 508 26.04 -9.55 5.86
N ALA A 509 27.01 -9.53 6.77
CA ALA A 509 27.12 -8.40 7.69
C ALA A 509 27.51 -7.13 6.95
N ILE A 510 28.37 -7.25 5.94
CA ILE A 510 28.76 -6.07 5.17
C ILE A 510 27.57 -5.52 4.40
N ARG A 511 26.76 -6.40 3.80
CA ARG A 511 25.54 -5.94 3.12
C ARG A 511 24.56 -5.33 4.12
N ASN A 512 24.45 -5.92 5.31
CA ASN A 512 23.50 -5.41 6.30
C ASN A 512 23.86 -4.00 6.77
N TYR A 513 25.15 -3.69 6.83
CA TYR A 513 25.54 -2.35 7.25
C TYR A 513 25.48 -1.39 6.08
N VAL A 514 26.22 -1.72 5.02
CA VAL A 514 26.44 -0.83 3.90
C VAL A 514 25.13 -0.38 3.25
N THR A 515 24.07 -1.18 3.36
CA THR A 515 22.83 -0.80 2.69
C THR A 515 21.91 0.06 3.55
N GLN A 516 22.28 0.33 4.79
CA GLN A 516 21.45 1.16 5.67
C GLN A 516 21.33 2.58 5.11
N LYS A 517 20.13 3.16 5.24
CA LYS A 517 19.96 4.58 4.94
C LYS A 517 20.74 5.40 5.96
N PRO A 518 21.42 6.46 5.53
CA PRO A 518 22.13 7.31 6.49
C PRO A 518 21.15 8.11 7.34
N TYR A 519 21.58 8.46 8.55
CA TYR A 519 20.70 9.16 9.47
C TYR A 519 20.34 10.54 8.94
N SER A 520 19.07 10.89 9.07
CA SER A 520 18.51 12.16 8.63
C SER A 520 17.65 12.71 9.76
N LYS A 521 18.00 13.91 10.22
CA LYS A 521 17.27 14.54 11.33
C LYS A 521 15.84 14.88 10.92
N ASP A 522 14.89 14.57 11.80
CA ASP A 522 13.51 15.00 11.57
C ASP A 522 13.30 16.41 12.11
N LYS A 523 12.32 17.09 11.54
CA LYS A 523 11.87 18.34 12.12
C LYS A 523 11.43 18.09 13.55
N PHE A 524 11.32 19.16 14.34
CA PHE A 524 10.87 18.97 15.70
C PHE A 524 9.91 20.10 16.12
N LYS A 525 9.04 19.76 17.07
CA LYS A 525 7.95 20.63 17.48
C LYS A 525 8.44 21.73 18.41
N LEU A 526 7.93 22.96 18.20
CA LEU A 526 8.27 24.09 19.06
C LEU A 526 7.17 24.34 20.07
N TYR A 527 7.57 24.56 21.33
CA TYR A 527 6.60 24.73 22.41
C TYR A 527 6.61 26.11 23.06
N PHE A 528 7.65 26.92 22.84
CA PHE A 528 7.84 28.19 23.53
C PHE A 528 7.53 28.05 25.02
N GLN A 529 8.13 27.03 25.62
CA GLN A 529 8.08 26.80 27.06
C GLN A 529 6.65 26.76 27.58
N ASN A 530 5.72 26.31 26.75
CA ASN A 530 4.30 26.22 27.10
C ASN A 530 3.81 24.80 26.86
N PRO A 531 3.38 24.07 27.91
CA PRO A 531 2.89 22.71 27.70
C PRO A 531 1.59 22.65 26.93
N GLN A 532 0.89 23.77 26.78
CA GLN A 532 -0.31 23.82 25.96
C GLN A 532 -0.18 24.89 24.88
N PHE A 533 1.03 25.03 24.35
CA PHE A 533 1.34 26.06 23.37
C PHE A 533 0.35 26.02 22.22
N MET A 534 -0.22 27.19 21.91
CA MET A 534 -1.06 27.37 20.73
C MET A 534 -2.19 26.33 20.69
N GLY A 535 -2.69 25.98 21.88
CA GLY A 535 -3.65 24.90 21.97
C GLY A 535 -4.87 25.15 21.13
N GLY A 536 -5.29 26.41 21.06
CA GLY A 536 -6.44 26.84 20.29
C GLY A 536 -6.39 28.34 20.10
N TRP A 537 -7.48 28.87 19.57
CA TRP A 537 -7.50 30.26 19.14
C TRP A 537 -8.46 31.16 19.91
N ASP A 538 -9.23 30.61 20.85
CA ASP A 538 -10.22 31.40 21.57
C ASP A 538 -9.59 32.58 22.34
N LYS A 539 -10.23 33.74 22.21
CA LYS A 539 -9.82 34.95 22.93
C LYS A 539 -9.64 34.69 24.42
N ASP A 540 -10.64 34.10 25.05
CA ASP A 540 -10.52 33.94 26.50
C ASP A 540 -9.48 32.90 26.92
N LYS A 541 -8.62 32.44 26.00
CA LYS A 541 -7.53 31.51 26.26
C LYS A 541 -6.20 31.99 25.66
N GLU A 542 -6.17 33.21 25.12
CA GLU A 542 -4.93 33.81 24.62
C GLU A 542 -3.80 33.74 25.64
N THR A 543 -4.13 33.92 26.91
CA THR A 543 -3.11 33.96 27.96
C THR A 543 -2.54 32.58 28.23
N ASP A 544 -3.36 31.52 28.12
CA ASP A 544 -2.86 30.18 28.34
C ASP A 544 -2.08 29.65 27.14
N TYR A 545 -2.55 29.92 25.92
CA TYR A 545 -1.93 29.40 24.71
C TYR A 545 -0.80 30.29 24.16
N ARG A 546 -0.89 31.61 24.36
CA ARG A 546 0.18 32.55 24.02
C ARG A 546 0.54 32.53 22.53
N ALA A 547 -0.48 32.43 21.68
CA ALA A 547 -0.28 32.54 20.24
C ALA A 547 -1.56 33.07 19.61
N THR A 548 -1.42 34.03 18.70
CA THR A 548 -2.55 34.60 18.01
C THR A 548 -2.15 34.87 16.56
N ILE A 549 -3.09 35.42 15.78
CA ILE A 549 -2.90 35.70 14.36
C ILE A 549 -3.11 37.19 14.10
N LEU A 550 -2.28 37.77 13.22
CA LEU A 550 -2.37 39.18 12.86
C LEU A 550 -2.38 39.34 11.35
N ARG A 551 -2.97 40.44 10.89
CA ARG A 551 -3.08 40.74 9.47
C ARG A 551 -2.69 42.19 9.24
N TYR A 552 -1.81 42.41 8.27
CA TYR A 552 -1.42 43.74 7.81
C TYR A 552 -1.50 43.68 6.29
N GLY A 553 -2.62 44.15 5.75
CA GLY A 553 -2.80 44.10 4.31
C GLY A 553 -3.17 42.71 3.87
N SER A 554 -2.48 42.19 2.86
CA SER A 554 -2.63 40.82 2.37
C SER A 554 -1.80 39.81 3.14
N LYS A 555 -0.85 40.28 3.96
CA LYS A 555 0.07 39.42 4.68
C LYS A 555 -0.48 39.05 6.05
N TYR A 556 -0.22 37.81 6.47
CA TYR A 556 -0.65 37.26 7.75
C TYR A 556 0.54 36.88 8.61
N TYR A 557 0.34 36.89 9.93
CA TYR A 557 1.42 36.74 10.90
C TYR A 557 0.96 35.89 12.07
N LEU A 558 1.87 35.05 12.55
CA LEU A 558 1.68 34.35 13.83
C LEU A 558 2.41 35.14 14.90
N ALA A 559 1.72 35.37 16.02
CA ALA A 559 2.24 36.19 17.10
C ALA A 559 2.27 35.38 18.38
N ILE A 560 3.45 35.31 19.00
CA ILE A 560 3.67 34.48 20.18
C ILE A 560 4.18 35.36 21.31
N MET A 561 3.47 35.36 22.45
CA MET A 561 3.88 36.10 23.63
C MET A 561 4.85 35.27 24.46
N ASP A 562 5.92 35.92 24.92
CA ASP A 562 6.91 35.23 25.75
C ASP A 562 6.28 34.74 27.05
N LYS A 563 6.86 33.66 27.59
CA LYS A 563 6.33 33.03 28.80
C LYS A 563 6.10 34.05 29.91
N LYS A 564 6.79 35.19 29.86
CA LYS A 564 6.74 36.20 30.91
C LYS A 564 5.84 37.38 30.60
N TYR A 565 5.16 37.40 29.45
CA TYR A 565 4.46 38.62 28.99
C TYR A 565 3.12 38.29 28.37
N ALA A 566 2.41 37.28 28.89
CA ALA A 566 1.25 36.76 28.19
C ALA A 566 0.21 37.83 27.89
N LYS A 567 0.18 38.90 28.67
CA LYS A 567 -0.85 39.91 28.53
C LYS A 567 -0.46 41.05 27.59
N CYS A 568 0.73 41.00 26.97
CA CYS A 568 1.26 42.18 26.30
C CYS A 568 0.42 42.60 25.10
N LEU A 569 -0.38 41.72 24.51
CA LEU A 569 -1.26 42.14 23.44
C LEU A 569 -2.66 42.48 23.94
N GLN A 570 -3.00 42.11 25.18
CA GLN A 570 -4.28 42.51 25.75
C GLN A 570 -4.38 44.03 25.89
N LYS A 571 -3.24 44.69 26.15
CA LYS A 571 -3.26 46.12 26.44
C LYS A 571 -3.53 46.95 25.19
N ILE A 572 -2.94 46.56 24.05
CA ILE A 572 -2.71 47.49 22.97
C ILE A 572 -4.02 47.95 22.34
N ASP A 573 -4.11 49.26 22.10
CA ASP A 573 -5.26 49.92 21.52
C ASP A 573 -4.98 50.31 20.08
N LYS A 574 -6.02 50.81 19.42
CA LYS A 574 -5.86 51.38 18.09
C LYS A 574 -4.86 52.54 18.15
N ASP A 575 -4.05 52.66 17.11
CA ASP A 575 -3.32 53.88 16.79
C ASP A 575 -4.19 54.54 15.74
N ASP A 576 -5.12 55.39 16.19
CA ASP A 576 -6.00 56.09 15.27
C ASP A 576 -5.22 56.68 14.10
N VAL A 577 -4.10 57.33 14.39
CA VAL A 577 -3.29 58.01 13.38
C VAL A 577 -2.55 57.02 12.48
N ASN A 578 -1.45 56.46 12.97
CA ASN A 578 -0.56 55.67 12.12
C ASN A 578 -1.21 54.34 11.77
N GLY A 579 -0.43 53.48 11.11
CA GLY A 579 -0.94 52.20 10.67
C GLY A 579 -1.23 51.27 11.83
N ASN A 580 -2.05 50.24 11.55
CA ASN A 580 -2.43 49.25 12.54
C ASN A 580 -2.44 47.85 11.95
N TYR A 581 -2.00 46.88 12.75
CA TYR A 581 -2.34 45.49 12.48
C TYR A 581 -3.79 45.24 12.86
N GLU A 582 -4.35 44.17 12.28
CA GLU A 582 -5.64 43.63 12.70
C GLU A 582 -5.36 42.38 13.52
N LYS A 583 -5.84 42.35 14.77
CA LYS A 583 -5.63 41.20 15.63
C LYS A 583 -6.91 40.39 15.68
N ILE A 584 -6.78 39.08 15.53
CA ILE A 584 -7.95 38.24 15.43
C ILE A 584 -8.63 38.19 16.79
N ASN A 585 -9.96 38.20 16.75
CA ASN A 585 -10.79 37.93 17.92
C ASN A 585 -11.59 36.71 17.52
N TYR A 586 -11.21 35.57 18.09
CA TYR A 586 -11.79 34.28 17.73
C TYR A 586 -12.49 33.72 18.96
N LYS A 587 -13.76 33.34 18.80
CA LYS A 587 -14.52 32.65 19.84
C LYS A 587 -15.18 31.39 19.28
N LEU A 588 -15.10 30.30 20.04
CA LEU A 588 -15.61 29.01 19.64
C LEU A 588 -16.23 28.33 20.86
N LEU A 589 -17.44 27.81 20.70
CA LEU A 589 -18.12 27.05 21.75
C LEU A 589 -18.19 25.63 21.27
N PRO A 590 -17.23 24.79 21.60
CA PRO A 590 -17.15 23.47 21.00
C PRO A 590 -17.91 22.46 21.84
N GLY A 591 -18.59 21.54 21.14
CA GLY A 591 -19.35 20.46 21.72
C GLY A 591 -20.35 20.85 22.79
N PRO A 592 -21.37 21.64 22.43
CA PRO A 592 -22.30 22.13 23.47
C PRO A 592 -22.95 21.01 24.26
N ASN A 593 -23.13 19.85 23.65
CA ASN A 593 -23.74 18.72 24.36
C ASN A 593 -22.90 18.27 25.54
N LYS A 594 -21.59 18.50 25.50
CA LYS A 594 -20.77 18.28 26.69
C LYS A 594 -20.52 19.56 27.46
N MET A 595 -20.26 20.67 26.77
CA MET A 595 -19.86 21.89 27.46
C MET A 595 -21.02 22.52 28.24
N LEU A 596 -22.24 22.46 27.70
CA LEU A 596 -23.35 23.12 28.39
C LEU A 596 -23.63 22.51 29.76
N PRO A 597 -23.83 21.18 29.90
CA PRO A 597 -23.94 20.63 31.27
C PRO A 597 -22.78 20.99 32.15
N LYS A 598 -21.55 20.95 31.60
CA LYS A 598 -20.37 21.17 32.43
C LYS A 598 -20.31 22.60 32.95
N VAL A 599 -20.74 23.57 32.14
CA VAL A 599 -20.66 24.97 32.57
C VAL A 599 -21.81 25.31 33.52
N PHE A 600 -23.02 24.90 33.18
CA PHE A 600 -24.20 25.36 33.89
C PHE A 600 -24.64 24.44 35.03
N PHE A 601 -23.93 23.35 35.27
CA PHE A 601 -24.08 22.57 36.48
C PHE A 601 -22.79 22.51 37.28
N SER A 602 -21.88 23.45 37.03
CA SER A 602 -20.66 23.59 37.80
C SER A 602 -20.95 24.17 39.17
N LYS A 603 -20.05 23.90 40.12
CA LYS A 603 -20.17 24.53 41.42
C LYS A 603 -20.04 26.04 41.30
N LYS A 604 -19.25 26.52 40.34
CA LYS A 604 -19.10 27.96 40.15
C LYS A 604 -20.43 28.58 39.73
N TRP A 605 -21.18 27.92 38.85
CA TRP A 605 -22.41 28.48 38.31
C TRP A 605 -23.64 28.15 39.17
N MET A 606 -23.72 26.93 39.71
CA MET A 606 -24.88 26.56 40.54
C MET A 606 -24.97 27.43 41.79
N ALA A 607 -23.83 27.98 42.23
CA ALA A 607 -23.88 29.03 43.24
C ALA A 607 -24.72 30.21 42.75
N TYR A 608 -24.34 30.75 41.59
CA TYR A 608 -25.02 31.92 41.03
C TYR A 608 -26.48 31.59 40.69
N TYR A 609 -26.69 30.55 39.91
CA TYR A 609 -28.02 30.15 39.45
C TYR A 609 -28.32 28.77 39.97
N ASN A 610 -29.28 28.68 40.89
CA ASN A 610 -29.54 27.35 41.40
C ASN A 610 -30.53 26.62 40.51
N PRO A 611 -30.32 25.33 40.24
CA PRO A 611 -31.32 24.58 39.48
C PRO A 611 -32.59 24.42 40.30
N SER A 612 -33.69 24.22 39.61
CA SER A 612 -34.81 23.57 40.25
C SER A 612 -34.46 22.11 40.45
N GLU A 613 -35.14 21.46 41.40
CA GLU A 613 -35.07 20.01 41.43
C GLU A 613 -35.63 19.45 40.13
N ASP A 614 -36.63 20.13 39.57
CA ASP A 614 -37.04 19.90 38.19
C ASP A 614 -35.81 19.88 37.26
N ILE A 615 -35.09 21.00 37.20
CA ILE A 615 -33.91 21.07 36.35
C ILE A 615 -32.87 20.05 36.79
N GLN A 616 -32.62 19.98 38.11
CA GLN A 616 -31.58 19.07 38.60
C GLN A 616 -31.95 17.60 38.37
N LYS A 617 -33.22 17.24 38.57
CA LYS A 617 -33.59 15.83 38.49
C LYS A 617 -33.38 15.28 37.08
N ILE A 618 -33.68 16.08 36.05
CA ILE A 618 -33.56 15.59 34.68
C ILE A 618 -32.12 15.14 34.42
N TYR A 619 -31.18 16.08 34.48
CA TYR A 619 -29.80 15.76 34.09
C TYR A 619 -29.23 14.64 34.93
N LYS A 620 -29.63 14.56 36.20
CA LYS A 620 -29.28 13.40 37.00
C LYS A 620 -29.95 12.15 36.45
N ASN A 621 -31.27 12.21 36.20
CA ASN A 621 -32.02 11.05 35.71
C ASN A 621 -31.79 10.82 34.22
N GLY A 622 -31.99 11.84 33.40
CA GLY A 622 -31.72 11.71 31.97
C GLY A 622 -32.96 11.64 31.12
N THR A 623 -34.06 12.23 31.59
CA THR A 623 -35.29 12.30 30.80
C THR A 623 -35.25 13.40 29.73
N PHE A 624 -34.08 13.99 29.47
CA PHE A 624 -33.93 14.99 28.42
C PHE A 624 -33.41 14.41 27.10
N LYS A 625 -32.89 13.18 27.13
CA LYS A 625 -32.22 12.58 25.99
C LYS A 625 -33.15 11.53 25.41
N LYS A 626 -33.28 11.53 24.09
CA LYS A 626 -34.01 10.46 23.44
C LYS A 626 -33.36 9.12 23.79
N GLY A 627 -34.21 8.13 24.07
CA GLY A 627 -33.72 6.84 24.51
C GLY A 627 -34.80 6.05 25.21
N ASP A 628 -34.46 5.35 26.28
CA ASP A 628 -35.45 4.56 27.00
C ASP A 628 -36.14 5.32 28.13
N MET A 629 -35.50 6.36 28.69
CA MET A 629 -36.12 7.14 29.75
C MET A 629 -36.62 8.49 29.24
N PHE A 630 -36.74 8.65 27.93
CA PHE A 630 -37.06 9.92 27.29
C PHE A 630 -38.38 10.50 27.81
N ASN A 631 -38.44 11.84 27.86
CA ASN A 631 -39.68 12.53 28.18
C ASN A 631 -39.61 13.95 27.64
N LEU A 632 -40.33 14.20 26.53
CA LEU A 632 -40.19 15.41 25.74
C LEU A 632 -40.33 16.68 26.59
N ASN A 633 -41.31 16.72 27.50
CA ASN A 633 -41.64 17.96 28.18
C ASN A 633 -40.51 18.48 29.04
N ASP A 634 -39.58 17.61 29.44
CA ASP A 634 -38.47 18.06 30.28
C ASP A 634 -37.41 18.77 29.47
N CYS A 635 -37.11 18.29 28.26
CA CYS A 635 -36.10 18.94 27.43
C CYS A 635 -36.43 20.42 27.25
N HIS A 636 -37.70 20.72 26.97
CA HIS A 636 -38.11 22.10 26.76
C HIS A 636 -37.75 22.98 27.96
N LYS A 637 -38.15 22.56 29.16
CA LYS A 637 -37.82 23.34 30.35
C LYS A 637 -36.31 23.39 30.60
N LEU A 638 -35.55 22.41 30.08
CA LEU A 638 -34.09 22.44 30.23
C LEU A 638 -33.44 23.32 29.16
N ILE A 639 -33.89 23.20 27.91
CA ILE A 639 -33.43 24.09 26.84
C ILE A 639 -33.56 25.55 27.27
N ASP A 640 -34.66 25.88 27.96
CA ASP A 640 -34.86 27.24 28.42
C ASP A 640 -33.98 27.57 29.62
N PHE A 641 -33.79 26.62 30.54
CA PHE A 641 -32.82 26.83 31.60
C PHE A 641 -31.45 27.17 30.99
N PHE A 642 -31.01 26.39 30.01
CA PHE A 642 -29.77 26.71 29.30
C PHE A 642 -29.88 28.06 28.60
N LYS A 643 -30.97 28.28 27.86
CA LYS A 643 -31.12 29.53 27.14
C LYS A 643 -31.14 30.71 28.10
N ASP A 644 -31.76 30.54 29.27
CA ASP A 644 -31.77 31.58 30.28
C ASP A 644 -30.42 31.73 30.97
N SER A 645 -29.63 30.66 31.04
CA SER A 645 -28.28 30.80 31.56
C SER A 645 -27.32 31.42 30.54
N ILE A 646 -27.58 31.24 29.23
CA ILE A 646 -26.71 31.90 28.24
C ILE A 646 -26.81 33.41 28.39
N SER A 647 -28.03 33.93 28.59
CA SER A 647 -28.23 35.34 28.82
C SER A 647 -27.37 35.87 29.96
N ARG A 648 -27.28 35.13 31.06
CA ARG A 648 -26.51 35.51 32.23
C ARG A 648 -25.05 35.07 32.16
N TYR A 649 -24.62 34.50 31.05
CA TYR A 649 -23.22 34.06 30.90
C TYR A 649 -22.53 35.00 29.92
N PRO A 650 -21.85 36.05 30.40
CA PRO A 650 -21.47 37.15 29.49
C PRO A 650 -20.47 36.75 28.43
N LYS A 651 -19.48 35.91 28.76
CA LYS A 651 -18.46 35.60 27.77
C LYS A 651 -19.01 34.84 26.59
N TRP A 652 -20.17 34.18 26.73
CA TRP A 652 -20.88 33.60 25.59
C TRP A 652 -21.94 34.54 25.02
N SER A 653 -22.64 35.27 25.90
CA SER A 653 -23.81 36.04 25.49
C SER A 653 -23.46 37.13 24.48
N ASN A 654 -22.34 37.83 24.70
CA ASN A 654 -21.91 38.89 23.80
C ASN A 654 -20.88 38.44 22.77
N ALA A 655 -20.45 37.18 22.81
CA ALA A 655 -19.52 36.68 21.79
C ALA A 655 -20.26 36.21 20.55
N TYR A 656 -21.38 35.53 20.72
CA TYR A 656 -22.22 35.04 19.63
C TYR A 656 -23.55 35.77 19.68
N ASP A 657 -23.94 36.40 18.57
CA ASP A 657 -25.27 36.98 18.50
C ASP A 657 -26.29 35.87 18.34
N PHE A 658 -26.79 35.33 19.45
CA PHE A 658 -27.68 34.18 19.36
C PHE A 658 -29.03 34.58 18.80
N ASN A 659 -29.65 33.62 18.09
CA ASN A 659 -30.98 33.74 17.47
C ASN A 659 -31.54 32.31 17.41
N PHE A 660 -32.01 31.83 18.57
CA PHE A 660 -32.56 30.49 18.70
C PHE A 660 -33.97 30.41 18.13
N SER A 661 -34.55 29.21 18.22
CA SER A 661 -35.89 28.91 17.76
C SER A 661 -36.86 28.91 18.93
N GLU A 662 -38.16 28.99 18.60
CA GLU A 662 -39.18 28.77 19.62
C GLU A 662 -39.01 27.38 20.22
N THR A 663 -38.77 27.34 21.53
CA THR A 663 -38.43 26.09 22.20
C THR A 663 -39.44 24.98 21.93
N GLU A 664 -40.71 25.34 21.77
CA GLU A 664 -41.79 24.37 21.61
C GLU A 664 -41.60 23.49 20.38
N LYS A 665 -40.58 23.78 19.58
CA LYS A 665 -40.38 23.08 18.32
C LYS A 665 -39.22 22.08 18.34
N TYR A 666 -38.46 21.98 19.43
CA TYR A 666 -37.35 21.03 19.50
C TYR A 666 -37.88 19.62 19.77
N LYS A 667 -37.48 18.67 18.93
CA LYS A 667 -37.96 17.29 19.08
C LYS A 667 -37.14 16.52 20.11
N ASP A 668 -35.85 16.84 20.24
CA ASP A 668 -35.04 16.27 21.30
C ASP A 668 -34.02 17.32 21.72
N ILE A 669 -33.12 16.94 22.63
CA ILE A 669 -32.13 17.89 23.11
C ILE A 669 -31.11 18.21 22.01
N ALA A 670 -30.82 17.24 21.14
CA ALA A 670 -29.82 17.47 20.09
C ALA A 670 -30.26 18.56 19.12
N GLY A 671 -31.57 18.74 18.94
CA GLY A 671 -32.05 19.86 18.18
C GLY A 671 -31.63 21.20 18.76
N PHE A 672 -31.48 21.26 20.08
CA PHE A 672 -30.94 22.47 20.68
C PHE A 672 -29.43 22.56 20.47
N TYR A 673 -28.71 21.49 20.83
CA TYR A 673 -27.25 21.51 20.78
C TYR A 673 -26.73 21.88 19.39
N ARG A 674 -27.46 21.51 18.33
CA ARG A 674 -27.00 21.84 16.98
C ARG A 674 -27.07 23.34 16.72
N GLU A 675 -28.08 24.03 17.25
CA GLU A 675 -28.15 25.46 17.02
C GLU A 675 -27.05 26.19 17.80
N VAL A 676 -26.77 25.75 19.03
CA VAL A 676 -25.66 26.32 19.78
C VAL A 676 -24.35 26.09 19.04
N GLU A 677 -24.16 24.88 18.51
CA GLU A 677 -22.93 24.54 17.82
C GLU A 677 -22.71 25.42 16.59
N GLU A 678 -23.75 25.64 15.80
CA GLU A 678 -23.59 26.44 14.59
C GLU A 678 -23.39 27.91 14.91
N GLN A 679 -24.05 28.41 15.94
CA GLN A 679 -23.92 29.81 16.28
C GLN A 679 -22.75 30.09 17.21
N GLY A 680 -22.22 29.07 17.88
CA GLY A 680 -21.07 29.22 18.73
C GLY A 680 -19.75 29.33 17.99
N TYR A 681 -19.70 30.18 16.96
CA TYR A 681 -18.46 30.37 16.22
C TYR A 681 -18.51 31.74 15.58
N LYS A 682 -17.49 32.55 15.85
CA LYS A 682 -17.42 33.90 15.31
C LYS A 682 -15.95 34.30 15.22
N VAL A 683 -15.60 34.99 14.13
CA VAL A 683 -14.23 35.45 13.92
C VAL A 683 -14.25 36.87 13.41
N SER A 684 -13.61 37.79 14.14
CA SER A 684 -13.46 39.18 13.74
C SER A 684 -12.02 39.65 13.97
N PHE A 685 -11.75 40.90 13.58
CA PHE A 685 -10.45 41.54 13.74
C PHE A 685 -10.63 42.91 14.36
N GLU A 686 -9.82 43.22 15.38
CA GLU A 686 -9.75 44.54 15.98
C GLU A 686 -8.41 45.20 15.65
N SER A 687 -8.41 46.53 15.65
CA SER A 687 -7.18 47.28 15.40
C SER A 687 -6.21 47.18 16.58
N ALA A 688 -4.92 47.07 16.26
CA ALA A 688 -3.84 47.16 17.22
C ALA A 688 -2.74 48.04 16.64
N SER A 689 -2.21 48.95 17.47
CA SER A 689 -1.18 49.88 17.02
C SER A 689 0.04 49.14 16.50
N LYS A 690 0.41 49.42 15.24
CA LYS A 690 1.56 48.76 14.65
C LYS A 690 2.86 49.21 15.30
N LYS A 691 2.92 50.45 15.77
CA LYS A 691 4.08 50.93 16.51
C LYS A 691 4.32 50.08 17.75
N GLU A 692 3.30 49.94 18.62
CA GLU A 692 3.47 49.23 19.88
C GLU A 692 3.73 47.75 19.64
N VAL A 693 2.98 47.12 18.74
CA VAL A 693 3.20 45.71 18.46
C VAL A 693 4.60 45.48 17.92
N ASP A 694 5.06 46.35 17.02
CA ASP A 694 6.42 46.22 16.50
C ASP A 694 7.45 46.33 17.61
N LYS A 695 7.31 47.36 18.47
CA LYS A 695 8.21 47.53 19.61
C LYS A 695 8.20 46.32 20.54
N LEU A 696 7.05 45.66 20.69
CA LEU A 696 7.00 44.41 21.46
C LEU A 696 7.91 43.34 20.87
N VAL A 697 7.91 43.21 19.55
CA VAL A 697 8.82 42.27 18.94
C VAL A 697 10.26 42.75 19.11
N GLU A 698 10.47 44.05 19.01
CA GLU A 698 11.80 44.62 19.21
C GLU A 698 12.33 44.29 20.61
N GLU A 699 11.53 44.56 21.63
CA GLU A 699 11.95 44.35 23.01
C GLU A 699 11.99 42.87 23.40
N GLY A 700 11.64 41.96 22.49
CA GLY A 700 11.69 40.54 22.78
C GLY A 700 10.51 39.98 23.55
N LYS A 701 9.47 40.77 23.80
CA LYS A 701 8.29 40.30 24.52
C LYS A 701 7.34 39.55 23.61
N LEU A 702 7.48 39.74 22.30
CA LEU A 702 6.58 39.17 21.33
C LEU A 702 7.42 38.60 20.19
N TYR A 703 7.03 37.43 19.72
CA TYR A 703 7.63 36.85 18.53
C TYR A 703 6.61 36.87 17.41
N MET A 704 7.10 37.11 16.20
CA MET A 704 6.27 37.39 15.04
C MET A 704 6.84 36.63 13.85
N PHE A 705 6.02 35.81 13.21
CA PHE A 705 6.39 35.11 11.98
C PHE A 705 5.34 35.42 10.91
N GLN A 706 5.81 35.68 9.69
CA GLN A 706 4.85 35.78 8.59
C GLN A 706 4.45 34.37 8.15
N ILE A 707 3.13 34.16 8.00
CA ILE A 707 2.61 32.89 7.52
C ILE A 707 2.69 32.90 6.00
N TYR A 708 3.58 32.09 5.43
CA TYR A 708 3.97 32.34 4.05
C TYR A 708 3.92 31.07 3.21
N ASN A 709 3.48 31.26 1.97
CA ASN A 709 3.81 30.36 0.87
C ASN A 709 4.03 31.26 -0.35
N LYS A 710 4.39 30.66 -1.48
CA LYS A 710 4.81 31.46 -2.64
C LYS A 710 3.71 32.39 -3.16
N ASP A 711 2.44 32.07 -2.92
CA ASP A 711 1.35 32.93 -3.41
C ASP A 711 1.30 34.29 -2.69
N PHE A 712 2.04 34.45 -1.58
CA PHE A 712 2.17 35.72 -0.87
C PHE A 712 3.42 36.50 -1.24
N SER A 713 4.26 35.96 -2.13
CA SER A 713 5.38 36.73 -2.63
C SER A 713 4.87 38.00 -3.26
N ASP A 714 5.68 39.06 -3.18
CA ASP A 714 5.34 40.27 -3.91
C ASP A 714 5.33 40.03 -5.40
N LYS A 715 5.97 38.97 -5.87
CA LYS A 715 6.04 38.69 -7.28
C LYS A 715 5.02 37.66 -7.74
N SER A 716 4.17 37.16 -6.87
CA SER A 716 3.18 36.18 -7.31
C SER A 716 2.14 36.84 -8.18
N HIS A 717 1.67 36.13 -9.19
CA HIS A 717 0.71 36.71 -10.12
C HIS A 717 -0.23 35.71 -10.78
N GLY A 718 -0.15 34.43 -10.47
CA GLY A 718 -1.01 33.43 -11.06
C GLY A 718 -2.07 32.93 -10.10
N THR A 719 -2.78 31.91 -10.55
CA THR A 719 -3.81 31.29 -9.73
C THR A 719 -3.17 30.68 -8.48
N PRO A 720 -3.65 31.03 -7.30
CA PRO A 720 -3.07 30.49 -6.06
C PRO A 720 -3.42 29.02 -5.88
N ASN A 721 -2.59 28.36 -5.07
CA ASN A 721 -2.91 27.02 -4.61
C ASN A 721 -4.29 26.99 -3.96
N LEU A 722 -5.00 25.88 -4.13
CA LEU A 722 -6.28 25.71 -3.46
C LEU A 722 -6.16 25.97 -1.95
N HIS A 723 -5.05 25.53 -1.34
CA HIS A 723 -4.87 25.76 0.09
C HIS A 723 -4.70 27.23 0.43
N THR A 724 -4.11 28.02 -0.44
CA THR A 724 -4.06 29.45 -0.17
C THR A 724 -5.45 30.04 -0.18
N MET A 725 -6.31 29.56 -1.07
CA MET A 725 -7.69 30.02 -1.11
C MET A 725 -8.43 29.63 0.17
N TYR A 726 -8.29 28.38 0.60
CA TYR A 726 -8.87 27.94 1.88
C TYR A 726 -8.47 28.88 3.01
N PHE A 727 -7.17 29.16 3.13
CA PHE A 727 -6.69 29.95 4.27
C PHE A 727 -7.27 31.36 4.26
N LYS A 728 -7.16 32.07 3.13
CA LYS A 728 -7.76 33.40 3.06
C LYS A 728 -9.28 33.37 3.29
N LEU A 729 -9.95 32.32 2.81
CA LEU A 729 -11.39 32.20 3.03
C LEU A 729 -11.75 32.03 4.49
N LEU A 730 -10.83 31.51 5.32
CA LEU A 730 -11.11 31.41 6.75
C LEU A 730 -11.62 32.72 7.32
N PHE A 731 -11.16 33.85 6.76
CA PHE A 731 -11.42 35.18 7.29
C PHE A 731 -12.26 36.03 6.34
N ASP A 732 -12.85 35.41 5.32
CA ASP A 732 -13.67 36.15 4.38
C ASP A 732 -15.10 36.26 4.89
N GLU A 733 -15.68 37.46 4.80
CA GLU A 733 -17.03 37.69 5.29
C GLU A 733 -18.08 36.80 4.62
N ASN A 734 -17.79 36.27 3.42
CA ASN A 734 -18.75 35.43 2.72
C ASN A 734 -18.71 33.98 3.18
N ASN A 735 -17.77 33.65 4.06
CA ASN A 735 -17.68 32.31 4.65
C ASN A 735 -18.51 32.30 5.94
N HIS A 736 -19.67 31.66 5.87
CA HIS A 736 -20.61 31.57 7.00
C HIS A 736 -20.50 30.23 7.72
N GLY A 737 -19.27 29.83 8.03
CA GLY A 737 -19.04 28.58 8.71
C GLY A 737 -18.83 27.38 7.80
N GLN A 738 -18.81 27.59 6.48
CA GLN A 738 -18.45 26.48 5.59
C GLN A 738 -17.05 25.96 5.88
N ILE A 739 -16.10 26.83 6.21
CA ILE A 739 -14.75 26.43 6.59
C ILE A 739 -14.39 27.17 7.87
N ARG A 740 -14.25 26.45 8.96
CA ARG A 740 -13.88 27.05 10.24
C ARG A 740 -12.40 26.86 10.47
N LEU A 741 -11.80 27.82 11.17
CA LEU A 741 -10.44 27.65 11.66
C LEU A 741 -10.47 26.79 12.91
N SER A 742 -9.60 25.80 12.97
CA SER A 742 -9.63 24.88 14.10
C SER A 742 -8.45 25.12 15.06
N GLY A 743 -8.58 24.56 16.26
CA GLY A 743 -7.47 24.52 17.19
C GLY A 743 -6.46 23.43 16.83
N GLY A 744 -5.51 23.22 17.72
CA GLY A 744 -4.53 22.20 17.48
C GLY A 744 -3.52 22.51 16.40
N ALA A 745 -3.27 23.79 16.12
CA ALA A 745 -2.18 24.11 15.22
C ALA A 745 -0.84 23.74 15.86
N GLU A 746 0.20 23.59 15.02
CA GLU A 746 1.51 23.21 15.49
C GLU A 746 2.59 23.92 14.70
N LEU A 747 3.69 24.22 15.37
CA LEU A 747 4.83 24.90 14.78
C LEU A 747 6.07 24.03 14.95
N PHE A 748 6.84 23.88 13.88
CA PHE A 748 8.01 23.00 13.86
C PHE A 748 9.22 23.74 13.32
N MET A 749 10.40 23.26 13.72
CA MET A 749 11.65 23.67 13.08
C MET A 749 12.22 22.54 12.25
N ARG A 750 12.50 22.81 10.99
CA ARG A 750 13.18 21.85 10.12
C ARG A 750 14.56 22.39 9.81
N ARG A 751 15.58 21.84 10.48
CA ARG A 751 16.97 22.20 10.21
C ARG A 751 17.34 21.94 8.74
N ALA A 752 18.11 22.85 8.18
CA ALA A 752 18.62 22.66 6.82
C ALA A 752 19.26 21.29 6.70
N SER A 753 19.09 20.66 5.54
CA SER A 753 19.71 19.36 5.31
C SER A 753 20.64 19.38 4.10
N LEU A 754 20.75 20.51 3.40
CA LEU A 754 21.73 20.70 2.35
C LEU A 754 22.54 21.96 2.61
N LYS A 755 23.82 21.92 2.25
CA LYS A 755 24.67 23.11 2.31
C LYS A 755 24.48 23.92 1.05
N LYS A 756 24.31 25.23 1.22
CA LYS A 756 24.10 26.12 0.08
C LYS A 756 25.21 25.95 -0.96
N GLU A 757 26.47 25.97 -0.50
CA GLU A 757 27.61 25.84 -1.41
C GLU A 757 27.55 24.55 -2.24
N GLU A 758 26.86 23.52 -1.75
CA GLU A 758 26.81 22.22 -2.42
C GLU A 758 25.60 22.06 -3.33
N LEU A 759 24.98 23.16 -3.78
CA LEU A 759 23.73 23.09 -4.52
C LEU A 759 23.95 23.33 -6.00
N VAL A 760 23.16 22.63 -6.83
CA VAL A 760 23.23 22.86 -8.26
C VAL A 760 22.73 24.28 -8.53
N VAL A 761 23.50 25.02 -9.33
CA VAL A 761 23.31 26.45 -9.53
C VAL A 761 23.13 26.73 -11.02
N HIS A 762 22.17 27.58 -11.36
CA HIS A 762 22.11 28.13 -12.70
C HIS A 762 22.45 29.62 -12.65
N PRO A 763 23.66 30.00 -13.02
CA PRO A 763 24.12 31.35 -12.70
C PRO A 763 23.42 32.39 -13.56
N ALA A 764 23.22 33.56 -12.96
CA ALA A 764 22.64 34.69 -13.66
C ALA A 764 23.33 34.90 -15.00
N ASN A 765 22.51 35.20 -16.02
CA ASN A 765 22.94 35.69 -17.32
C ASN A 765 23.57 34.63 -18.20
N SER A 766 23.47 33.38 -17.80
CA SER A 766 23.78 32.28 -18.68
C SER A 766 22.50 31.53 -19.00
N PRO A 767 22.17 31.34 -20.27
CA PRO A 767 20.87 30.77 -20.64
C PRO A 767 20.69 29.36 -20.08
N ILE A 768 19.44 29.06 -19.66
CA ILE A 768 19.09 27.74 -19.15
C ILE A 768 18.28 27.01 -20.21
N ALA A 769 18.57 25.73 -20.40
CA ALA A 769 17.85 24.93 -21.37
C ALA A 769 16.45 24.60 -20.83
N ASN A 770 15.44 24.97 -21.59
CA ASN A 770 14.10 24.50 -21.31
C ASN A 770 13.98 23.04 -21.70
N LYS A 771 13.24 22.28 -20.90
CA LYS A 771 13.23 20.83 -21.01
C LYS A 771 12.03 20.30 -21.80
N ASN A 772 11.04 21.16 -22.09
CA ASN A 772 9.80 20.72 -22.71
C ASN A 772 9.92 20.77 -24.23
N PRO A 773 9.91 19.64 -24.92
CA PRO A 773 10.19 19.66 -26.36
C PRO A 773 9.16 20.40 -27.18
N ASP A 774 7.94 20.58 -26.67
CA ASP A 774 6.92 21.32 -27.39
C ASP A 774 6.94 22.81 -27.06
N ASN A 775 8.00 23.28 -26.40
CA ASN A 775 8.13 24.67 -26.00
C ASN A 775 9.01 25.40 -26.99
N PRO A 776 8.47 26.29 -27.83
CA PRO A 776 9.30 26.93 -28.87
C PRO A 776 10.35 27.88 -28.32
N LYS A 777 10.10 28.52 -27.18
CA LYS A 777 11.16 29.23 -26.47
C LYS A 777 12.09 28.18 -25.85
N LYS A 778 13.21 27.90 -26.52
CA LYS A 778 14.08 26.82 -26.11
C LYS A 778 14.96 27.17 -24.92
N THR A 779 15.11 28.44 -24.60
CA THR A 779 16.06 28.86 -23.59
C THR A 779 15.43 29.93 -22.71
N THR A 780 15.83 29.95 -21.44
CA THR A 780 15.45 31.03 -20.54
C THR A 780 16.69 31.56 -19.87
N THR A 781 16.76 32.90 -19.79
CA THR A 781 17.90 33.59 -19.21
C THR A 781 17.37 34.60 -18.19
N LEU A 782 17.73 34.38 -16.93
CA LEU A 782 17.37 35.24 -15.81
C LEU A 782 18.61 35.98 -15.32
N SER A 783 18.36 37.05 -14.54
CA SER A 783 19.43 37.91 -14.03
C SER A 783 19.84 37.55 -12.61
N TYR A 784 19.39 36.42 -12.11
CA TYR A 784 19.67 35.99 -10.75
C TYR A 784 19.94 34.50 -10.78
N ASP A 785 20.79 34.03 -9.87
CA ASP A 785 21.04 32.60 -9.77
C ASP A 785 19.77 31.86 -9.34
N VAL A 786 19.65 30.60 -9.76
CA VAL A 786 18.57 29.73 -9.32
C VAL A 786 19.16 28.41 -8.86
N TYR A 787 18.81 28.02 -7.64
CA TYR A 787 19.41 26.89 -6.96
C TYR A 787 18.44 25.72 -6.91
N LYS A 788 18.95 24.52 -7.15
CA LYS A 788 18.17 23.31 -6.94
C LYS A 788 17.93 23.13 -5.45
N ASP A 789 16.73 22.65 -5.11
CA ASP A 789 16.38 22.29 -3.73
C ASP A 789 16.70 23.39 -2.74
N LYS A 790 16.60 24.66 -3.18
CA LYS A 790 17.00 25.80 -2.38
C LYS A 790 16.39 25.78 -0.98
N ARG A 791 15.12 25.37 -0.87
CA ARG A 791 14.41 25.45 0.40
C ARG A 791 15.01 24.55 1.48
N PHE A 792 15.71 23.48 1.11
CA PHE A 792 16.28 22.59 2.11
C PHE A 792 17.63 23.06 2.60
N SER A 793 18.14 24.17 2.07
CA SER A 793 19.48 24.64 2.39
C SER A 793 19.51 25.68 3.49
N GLU A 794 18.36 26.08 4.02
CA GLU A 794 18.31 26.91 5.22
C GLU A 794 17.27 26.32 6.18
N ASP A 795 17.52 26.49 7.48
CA ASP A 795 16.54 26.17 8.51
C ASP A 795 15.19 26.78 8.14
N GLN A 796 14.11 26.02 8.39
CA GLN A 796 12.78 26.51 8.05
C GLN A 796 11.79 26.18 9.16
N TYR A 797 11.05 27.20 9.60
CA TYR A 797 9.86 27.01 10.43
C TYR A 797 8.68 26.64 9.55
N GLU A 798 7.88 25.66 10.02
CA GLU A 798 6.63 25.36 9.34
C GLU A 798 5.45 25.34 10.30
N LEU A 799 4.33 25.89 9.84
CA LEU A 799 3.13 26.03 10.64
C LEU A 799 2.04 25.15 10.03
N HIS A 800 1.48 24.26 10.85
CA HIS A 800 0.45 23.32 10.44
C HIS A 800 -0.87 23.75 11.06
N ILE A 801 -1.82 24.12 10.20
CA ILE A 801 -3.10 24.70 10.65
C ILE A 801 -4.25 23.78 10.30
N PRO A 802 -4.92 23.20 11.29
CA PRO A 802 -6.12 22.41 10.99
C PRO A 802 -7.30 23.33 10.67
N ILE A 803 -8.15 22.87 9.74
CA ILE A 803 -9.39 23.53 9.41
C ILE A 803 -10.48 22.48 9.36
N ALA A 804 -11.73 22.93 9.47
CA ALA A 804 -12.87 22.04 9.46
C ALA A 804 -13.86 22.53 8.42
N ILE A 805 -14.28 21.62 7.54
CA ILE A 805 -15.16 21.93 6.42
C ILE A 805 -16.54 21.34 6.69
N ASN A 806 -17.58 22.17 6.53
CA ASN A 806 -18.97 21.74 6.66
C ASN A 806 -19.25 21.18 8.06
N LYS A 807 -18.81 21.92 9.09
CA LYS A 807 -18.96 21.44 10.46
C LYS A 807 -20.43 21.20 10.81
N CYS A 808 -21.34 21.93 10.17
CA CYS A 808 -22.77 21.84 10.45
C CYS A 808 -23.50 21.53 9.15
N PRO A 809 -23.37 20.30 8.67
CA PRO A 809 -24.00 19.94 7.40
C PRO A 809 -25.52 20.08 7.48
N LYS A 810 -26.11 20.67 6.43
CA LYS A 810 -27.56 20.76 6.29
C LYS A 810 -28.15 19.76 5.31
N ASN A 811 -27.34 19.14 4.46
CA ASN A 811 -27.84 18.24 3.42
C ASN A 811 -27.53 16.80 3.79
N ILE A 812 -28.24 16.30 4.78
CA ILE A 812 -28.02 14.95 5.31
C ILE A 812 -28.99 14.01 4.60
N PHE A 813 -28.44 13.20 3.70
CA PHE A 813 -29.13 12.08 3.11
C PHE A 813 -28.10 10.98 2.92
N LYS A 814 -28.56 9.75 2.78
CA LYS A 814 -27.66 8.69 2.34
C LYS A 814 -27.22 9.01 0.91
N ILE A 815 -25.92 9.30 0.74
CA ILE A 815 -25.42 9.81 -0.54
C ILE A 815 -25.65 8.81 -1.66
N ASN A 816 -25.40 7.52 -1.41
CA ASN A 816 -25.61 6.50 -2.44
C ASN A 816 -27.05 6.53 -2.96
N THR A 817 -28.02 6.46 -2.04
CA THR A 817 -29.44 6.49 -2.40
C THR A 817 -29.75 7.66 -3.33
N GLU A 818 -29.29 8.85 -2.96
CA GLU A 818 -29.57 10.04 -3.75
C GLU A 818 -29.02 9.90 -5.18
N VAL A 819 -27.88 9.25 -5.33
CA VAL A 819 -27.31 9.05 -6.67
C VAL A 819 -28.21 8.11 -7.48
N ARG A 820 -28.66 7.01 -6.86
CA ARG A 820 -29.51 6.08 -7.59
C ARG A 820 -30.79 6.77 -8.05
N VAL A 821 -31.42 7.52 -7.13
CA VAL A 821 -32.59 8.32 -7.49
C VAL A 821 -32.28 9.21 -8.69
N LEU A 822 -31.20 9.99 -8.58
CA LEU A 822 -30.90 10.95 -9.64
C LEU A 822 -30.65 10.26 -10.96
N LEU A 823 -29.97 9.11 -10.94
CA LEU A 823 -29.75 8.34 -12.16
C LEU A 823 -31.07 7.86 -12.76
N LYS A 824 -31.98 7.40 -11.92
CA LYS A 824 -33.26 6.90 -12.41
C LYS A 824 -33.94 7.93 -13.30
N HIS A 825 -34.07 9.16 -12.81
CA HIS A 825 -34.83 10.20 -13.49
C HIS A 825 -33.97 11.07 -14.40
N ASP A 826 -32.79 10.61 -14.79
CA ASP A 826 -31.90 11.33 -15.69
C ASP A 826 -32.05 10.74 -17.08
N ASP A 827 -32.41 11.59 -18.04
CA ASP A 827 -32.80 11.11 -19.37
C ASP A 827 -31.62 10.58 -20.17
N ASN A 828 -30.41 10.88 -19.76
CA ASN A 828 -29.27 10.54 -20.58
C ASN A 828 -28.03 10.63 -19.70
N PRO A 829 -27.84 9.71 -18.76
CA PRO A 829 -26.72 9.82 -17.83
C PRO A 829 -25.43 9.31 -18.47
N TYR A 830 -24.37 10.09 -18.30
CA TYR A 830 -23.05 9.78 -18.83
C TYR A 830 -22.25 8.93 -17.85
N VAL A 831 -21.36 8.10 -18.39
CA VAL A 831 -20.48 7.28 -17.56
C VAL A 831 -19.05 7.49 -18.01
N ILE A 832 -18.16 7.63 -17.03
CA ILE A 832 -16.72 7.60 -17.25
C ILE A 832 -16.27 6.23 -16.81
N GLY A 833 -15.88 5.40 -17.76
CA GLY A 833 -15.33 4.08 -17.46
C GLY A 833 -13.82 4.13 -17.43
N ILE A 834 -13.23 3.45 -16.45
CA ILE A 834 -11.80 3.55 -16.18
C ILE A 834 -11.24 2.14 -16.02
N ASP A 835 -10.40 1.73 -16.97
CA ASP A 835 -9.76 0.43 -16.93
C ASP A 835 -8.39 0.57 -16.28
N ARG A 836 -8.16 -0.23 -15.23
CA ARG A 836 -6.91 -0.22 -14.51
C ARG A 836 -5.98 -1.23 -15.13
N GLY A 837 -4.69 -0.92 -15.15
CA GLY A 837 -3.78 -1.76 -15.90
C GLY A 837 -2.35 -1.43 -15.58
N GLU A 838 -1.47 -2.07 -16.37
CA GLU A 838 -0.03 -1.83 -16.34
C GLU A 838 0.58 -1.69 -17.73
N ARG A 839 -0.05 -2.24 -18.78
CA ARG A 839 0.29 -1.81 -20.14
C ARG A 839 -0.13 -0.36 -20.36
N ASN A 840 -1.39 -0.04 -20.08
CA ASN A 840 -1.87 1.32 -19.90
C ASN A 840 -2.24 1.46 -18.43
N LEU A 841 -1.57 2.36 -17.72
CA LEU A 841 -1.84 2.47 -16.28
C LEU A 841 -3.32 2.74 -16.04
N LEU A 842 -3.83 3.77 -16.68
CA LEU A 842 -5.26 4.07 -16.67
C LEU A 842 -5.70 4.31 -18.11
N TYR A 843 -6.91 3.85 -18.45
CA TYR A 843 -7.52 4.14 -19.73
C TYR A 843 -8.95 4.58 -19.48
N ILE A 844 -9.37 5.62 -20.22
CA ILE A 844 -10.61 6.34 -19.98
C ILE A 844 -11.51 6.20 -21.20
N VAL A 845 -12.77 5.88 -20.98
CA VAL A 845 -13.79 5.97 -22.02
C VAL A 845 -15.02 6.60 -21.40
N VAL A 846 -15.53 7.66 -22.03
CA VAL A 846 -16.78 8.30 -21.64
C VAL A 846 -17.87 7.88 -22.60
N VAL A 847 -19.00 7.43 -22.07
CA VAL A 847 -20.16 7.10 -22.87
C VAL A 847 -21.33 7.94 -22.44
N ASP A 848 -22.33 8.05 -23.32
CA ASP A 848 -23.61 8.66 -23.00
C ASP A 848 -24.59 7.59 -22.49
N GLY A 849 -25.81 8.02 -22.17
CA GLY A 849 -26.79 7.08 -21.66
C GLY A 849 -27.19 6.00 -22.65
N LYS A 850 -26.83 6.18 -23.92
CA LYS A 850 -27.08 5.15 -24.93
C LYS A 850 -25.84 4.32 -25.24
N GLY A 851 -24.71 4.59 -24.58
CA GLY A 851 -23.52 3.80 -24.79
C GLY A 851 -22.65 4.23 -25.96
N ASN A 852 -22.92 5.38 -26.56
CA ASN A 852 -22.01 5.88 -27.58
C ASN A 852 -20.72 6.35 -26.91
N ILE A 853 -19.60 6.02 -27.53
CA ILE A 853 -18.31 6.51 -27.07
C ILE A 853 -18.23 8.00 -27.39
N VAL A 854 -18.09 8.83 -26.37
CA VAL A 854 -17.92 10.27 -26.53
C VAL A 854 -16.46 10.68 -26.50
N GLU A 855 -15.67 10.02 -25.65
CA GLU A 855 -14.25 10.29 -25.50
C GLU A 855 -13.53 8.98 -25.20
N GLN A 856 -12.32 8.84 -25.70
CA GLN A 856 -11.50 7.68 -25.33
C GLN A 856 -10.03 8.02 -25.50
N TYR A 857 -9.23 7.70 -24.48
CA TYR A 857 -7.78 7.90 -24.55
C TYR A 857 -7.11 7.22 -23.36
N SER A 858 -5.86 6.83 -23.58
CA SER A 858 -5.00 6.36 -22.50
C SER A 858 -4.53 7.53 -21.65
N LEU A 859 -4.09 7.20 -20.44
CA LEU A 859 -3.59 8.18 -19.48
C LEU A 859 -2.14 7.89 -19.08
N ASN A 860 -1.45 7.06 -19.87
CA ASN A 860 -0.01 6.89 -19.75
C ASN A 860 0.71 8.21 -19.91
N GLU A 861 0.14 9.14 -20.67
CA GLU A 861 0.71 10.47 -20.88
C GLU A 861 -0.32 11.51 -20.45
N ILE A 862 0.14 12.55 -19.78
CA ILE A 862 -0.73 13.64 -19.38
C ILE A 862 -0.51 14.80 -20.34
N ILE A 863 -1.56 15.16 -21.10
CA ILE A 863 -1.51 16.30 -22.00
C ILE A 863 -2.08 17.53 -21.30
N ASN A 864 -1.26 18.56 -21.15
CA ASN A 864 -1.69 19.83 -20.58
C ASN A 864 -1.36 20.96 -21.57
N ASN A 865 -2.32 21.86 -21.77
CA ASN A 865 -2.16 23.06 -22.57
C ASN A 865 -2.35 24.27 -21.67
N PHE A 866 -1.33 25.13 -21.60
CA PHE A 866 -1.45 26.41 -20.91
C PHE A 866 -0.66 27.44 -21.69
N ASN A 867 -1.29 28.60 -21.93
CA ASN A 867 -0.63 29.76 -22.54
C ASN A 867 -0.30 29.54 -24.01
N GLY A 868 -1.06 28.70 -24.71
CA GLY A 868 -0.71 28.33 -26.06
C GLY A 868 0.25 27.16 -26.09
N ILE A 869 1.12 27.08 -25.09
CA ILE A 869 2.09 25.99 -25.00
C ILE A 869 1.39 24.68 -24.69
N ARG A 870 1.86 23.61 -25.32
CA ARG A 870 1.43 22.25 -25.02
C ARG A 870 2.53 21.55 -24.25
N ILE A 871 2.15 20.71 -23.29
CA ILE A 871 3.10 19.84 -22.63
C ILE A 871 2.50 18.44 -22.47
N LYS A 872 3.30 17.44 -22.82
CA LYS A 872 2.98 16.03 -22.69
C LYS A 872 4.00 15.45 -21.73
N THR A 873 3.52 14.67 -20.76
CA THR A 873 4.42 14.02 -19.83
C THR A 873 4.09 12.54 -19.82
N ASP A 874 5.06 11.72 -20.23
CA ASP A 874 4.89 10.26 -20.30
C ASP A 874 5.21 9.69 -18.91
N TYR A 875 4.20 9.76 -18.02
CA TYR A 875 4.39 9.25 -16.66
C TYR A 875 4.59 7.74 -16.63
N HIS A 876 3.94 6.98 -17.53
CA HIS A 876 4.21 5.55 -17.59
C HIS A 876 5.68 5.28 -17.86
N SER A 877 6.32 6.12 -18.67
CA SER A 877 7.76 6.00 -18.89
C SER A 877 8.55 6.39 -17.64
N LEU A 878 8.15 7.49 -16.99
CA LEU A 878 8.86 7.96 -15.80
C LEU A 878 8.78 6.94 -14.67
N LEU A 879 7.59 6.37 -14.44
CA LEU A 879 7.46 5.34 -13.39
C LEU A 879 8.26 4.10 -13.75
N ASP A 880 8.24 3.71 -15.01
CA ASP A 880 9.04 2.59 -15.46
C ASP A 880 10.50 2.78 -15.12
N LYS A 881 11.03 3.98 -15.41
CA LYS A 881 12.41 4.29 -15.07
C LYS A 881 12.63 4.14 -13.57
N LYS A 882 11.77 4.79 -12.77
CA LYS A 882 11.94 4.74 -11.32
C LYS A 882 11.92 3.30 -10.82
N GLU A 883 11.03 2.49 -11.38
CA GLU A 883 10.91 1.09 -10.99
C GLU A 883 12.20 0.33 -11.30
N LYS A 884 12.84 0.62 -12.44
CA LYS A 884 14.09 -0.03 -12.78
C LYS A 884 15.26 0.51 -11.96
N GLU A 885 15.31 1.82 -11.73
CA GLU A 885 16.34 2.39 -10.87
C GLU A 885 16.33 1.72 -9.50
N ARG A 886 15.13 1.42 -8.98
CA ARG A 886 15.00 0.80 -7.67
C ARG A 886 15.41 -0.66 -7.67
N PHE A 887 14.99 -1.42 -8.70
CA PHE A 887 15.46 -2.79 -8.86
C PHE A 887 16.99 -2.85 -8.88
N GLU A 888 17.61 -2.04 -9.74
CA GLU A 888 19.08 -2.02 -9.82
C GLU A 888 19.70 -1.60 -8.49
N ALA A 889 19.14 -0.57 -7.85
CA ALA A 889 19.70 -0.16 -6.58
C ALA A 889 19.70 -1.31 -5.59
N ARG A 890 18.61 -2.09 -5.59
CA ARG A 890 18.49 -3.17 -4.62
C ARG A 890 19.56 -4.20 -4.85
N GLN A 891 19.80 -4.57 -6.11
CA GLN A 891 20.83 -5.54 -6.40
C GLN A 891 22.23 -4.97 -6.27
N ASN A 892 22.41 -3.66 -6.35
CA ASN A 892 23.76 -3.10 -6.37
C ASN A 892 24.21 -2.53 -5.05
N TRP A 893 23.33 -2.53 -4.02
CA TRP A 893 23.61 -1.90 -2.72
C TRP A 893 23.81 -0.39 -2.88
N THR A 894 23.10 0.23 -3.83
CA THR A 894 23.11 1.66 -4.00
C THR A 894 21.77 2.23 -3.53
N SER A 895 21.64 3.54 -3.59
CA SER A 895 20.52 4.23 -2.96
C SER A 895 19.18 3.92 -3.63
N ILE A 896 18.20 3.48 -2.84
CA ILE A 896 16.87 3.13 -3.34
C ILE A 896 16.00 4.39 -3.29
N GLU A 897 15.69 4.93 -4.46
CA GLU A 897 14.94 6.18 -4.51
C GLU A 897 13.46 5.90 -4.28
N ASN A 898 12.76 6.91 -3.79
CA ASN A 898 11.31 6.77 -3.60
C ASN A 898 10.60 6.69 -4.94
N ILE A 899 9.44 6.02 -4.94
CA ILE A 899 8.52 6.08 -6.07
C ILE A 899 7.17 6.70 -5.72
N LYS A 900 6.85 6.86 -4.44
CA LYS A 900 5.46 7.20 -4.12
C LYS A 900 5.14 8.66 -4.44
N GLU A 901 6.12 9.57 -4.33
CA GLU A 901 5.85 10.95 -4.70
C GLU A 901 5.52 11.05 -6.19
N LEU A 902 6.29 10.33 -7.02
CA LEU A 902 6.08 10.31 -8.46
C LEU A 902 4.71 9.73 -8.80
N LYS A 903 4.32 8.66 -8.10
CA LYS A 903 2.96 8.14 -8.26
C LYS A 903 1.95 9.20 -7.92
N ALA A 904 2.10 9.80 -6.73
CA ALA A 904 1.17 10.85 -6.33
C ALA A 904 1.13 11.95 -7.37
N GLY A 905 2.29 12.38 -7.88
CA GLY A 905 2.34 13.41 -8.89
C GLY A 905 1.51 13.03 -10.10
N TYR A 906 1.77 11.84 -10.63
CA TYR A 906 0.97 11.34 -11.74
C TYR A 906 -0.51 11.30 -11.39
N ILE A 907 -0.86 10.62 -10.28
CA ILE A 907 -2.28 10.46 -9.92
C ILE A 907 -2.99 11.82 -9.79
N SER A 908 -2.32 12.87 -9.30
CA SER A 908 -2.99 14.16 -9.14
C SER A 908 -3.48 14.68 -10.48
N GLN A 909 -2.65 14.57 -11.53
CA GLN A 909 -3.09 14.96 -12.86
C GLN A 909 -4.27 14.11 -13.31
N VAL A 910 -4.21 12.80 -13.07
CA VAL A 910 -5.32 11.93 -13.46
C VAL A 910 -6.59 12.40 -12.77
N VAL A 911 -6.53 12.62 -11.47
CA VAL A 911 -7.71 12.99 -10.71
C VAL A 911 -8.26 14.33 -11.17
N HIS A 912 -7.36 15.26 -11.52
CA HIS A 912 -7.81 16.54 -12.05
C HIS A 912 -8.56 16.35 -13.37
N LYS A 913 -8.05 15.49 -14.25
CA LYS A 913 -8.75 15.24 -15.51
C LYS A 913 -10.11 14.60 -15.22
N ILE A 914 -10.17 13.71 -14.24
CA ILE A 914 -11.43 13.01 -14.01
C ILE A 914 -12.45 13.97 -13.44
N CYS A 915 -12.02 14.87 -12.55
CA CYS A 915 -12.96 15.83 -11.99
C CYS A 915 -13.52 16.74 -13.08
N GLU A 916 -12.66 17.23 -13.96
CA GLU A 916 -13.12 17.97 -15.13
C GLU A 916 -14.15 17.18 -15.92
N LEU A 917 -13.88 15.88 -16.12
CA LEU A 917 -14.81 15.03 -16.86
C LEU A 917 -16.14 14.90 -16.12
N VAL A 918 -16.09 14.74 -14.79
CA VAL A 918 -17.30 14.62 -14.01
C VAL A 918 -18.15 15.89 -14.14
N GLU A 919 -17.50 17.06 -14.10
CA GLU A 919 -18.23 18.31 -14.19
C GLU A 919 -18.75 18.56 -15.60
N LYS A 920 -17.92 18.26 -16.61
CA LYS A 920 -18.33 18.51 -17.98
C LYS A 920 -19.54 17.67 -18.37
N TYR A 921 -19.62 16.43 -17.89
CA TYR A 921 -20.65 15.52 -18.35
C TYR A 921 -21.65 15.14 -17.25
N ASP A 922 -21.56 15.72 -16.06
CA ASP A 922 -22.40 15.34 -14.93
C ASP A 922 -22.38 13.82 -14.74
N ALA A 923 -21.20 13.23 -14.93
CA ALA A 923 -21.06 11.78 -15.10
C ALA A 923 -20.69 11.06 -13.81
N VAL A 924 -21.09 9.80 -13.74
CA VAL A 924 -20.67 8.92 -12.67
C VAL A 924 -19.52 8.06 -13.18
N ILE A 925 -18.80 7.43 -12.25
CA ILE A 925 -17.55 6.73 -12.57
C ILE A 925 -17.75 5.22 -12.40
N ALA A 926 -17.28 4.47 -13.39
CA ALA A 926 -17.34 3.00 -13.43
C ALA A 926 -15.95 2.42 -13.28
N LEU A 927 -15.77 1.50 -12.33
CA LEU A 927 -14.50 0.82 -12.09
C LEU A 927 -14.69 -0.67 -11.94
N GLU A 928 -13.62 -1.42 -12.18
CA GLU A 928 -13.62 -2.84 -11.91
C GLU A 928 -13.77 -3.08 -10.42
N ASP A 929 -14.69 -3.97 -10.04
CA ASP A 929 -14.70 -4.46 -8.65
C ASP A 929 -13.51 -5.40 -8.50
N LEU A 930 -12.35 -4.81 -8.20
CA LEU A 930 -11.13 -5.56 -7.95
C LEU A 930 -11.07 -5.90 -6.47
N ASN A 931 -11.22 -7.18 -6.14
CA ASN A 931 -11.03 -7.62 -4.78
C ASN A 931 -9.61 -7.24 -4.33
N SER A 932 -9.43 -7.06 -3.01
CA SER A 932 -8.12 -6.62 -2.51
C SER A 932 -7.04 -7.70 -2.65
N GLY A 933 -7.42 -8.96 -2.84
CA GLY A 933 -6.43 -10.00 -3.09
C GLY A 933 -5.78 -9.92 -4.46
N PHE A 934 -6.51 -9.40 -5.46
CA PHE A 934 -5.89 -9.10 -6.74
C PHE A 934 -4.95 -7.90 -6.63
N LYS A 935 -5.36 -6.86 -5.88
CA LYS A 935 -4.61 -5.60 -5.88
C LYS A 935 -3.25 -5.73 -5.18
N ASN A 936 -3.07 -6.74 -4.30
CA ASN A 936 -1.79 -6.95 -3.65
C ASN A 936 -0.82 -7.78 -4.51
N SER A 937 -1.34 -8.72 -5.32
CA SER A 937 -0.48 -9.54 -6.18
C SER A 937 0.16 -8.74 -7.31
N ARG A 938 -0.28 -7.48 -7.53
CA ARG A 938 0.31 -6.59 -8.51
C ARG A 938 1.16 -5.49 -7.88
N VAL A 939 1.31 -5.47 -6.55
CA VAL A 939 2.18 -4.49 -5.89
C VAL A 939 3.64 -4.72 -6.26
N LYS A 940 3.99 -5.96 -6.62
CA LYS A 940 5.33 -6.30 -7.10
C LYS A 940 5.69 -5.58 -8.38
N VAL A 941 4.71 -5.22 -9.22
CA VAL A 941 4.92 -4.38 -10.39
C VAL A 941 4.80 -2.93 -9.93
N GLU A 942 5.92 -2.31 -9.59
CA GLU A 942 5.91 -1.03 -8.89
C GLU A 942 5.38 0.14 -9.73
N LYS A 943 5.02 -0.08 -11.00
CA LYS A 943 4.12 0.87 -11.67
C LYS A 943 2.77 0.92 -10.99
N GLN A 944 2.45 -0.14 -10.23
CA GLN A 944 1.15 -0.32 -9.56
C GLN A 944 0.60 1.00 -9.02
N VAL A 945 -0.62 1.30 -9.43
CA VAL A 945 -1.21 2.61 -9.18
C VAL A 945 -2.67 2.41 -8.79
N TYR A 946 -3.17 1.16 -8.93
CA TYR A 946 -4.55 0.77 -8.62
C TYR A 946 -5.06 1.42 -7.33
N GLN A 947 -4.44 1.13 -6.18
CA GLN A 947 -5.04 1.58 -4.92
C GLN A 947 -4.77 3.05 -4.63
N LYS A 948 -3.57 3.54 -4.95
CA LYS A 948 -3.31 4.96 -4.72
C LYS A 948 -4.23 5.81 -5.57
N PHE A 949 -4.44 5.42 -6.82
CA PHE A 949 -5.46 6.05 -7.63
C PHE A 949 -6.80 6.12 -6.89
N GLU A 950 -7.23 5.00 -6.28
CA GLU A 950 -8.52 5.00 -5.60
C GLU A 950 -8.51 5.97 -4.42
N LYS A 951 -7.45 5.93 -3.60
CA LYS A 951 -7.46 6.75 -2.40
C LYS A 951 -7.54 8.22 -2.78
N MET A 952 -6.74 8.64 -3.76
CA MET A 952 -6.69 10.06 -4.05
C MET A 952 -7.95 10.52 -4.76
N LEU A 953 -8.49 9.68 -5.63
CA LEU A 953 -9.79 9.98 -6.24
C LEU A 953 -10.86 10.15 -5.18
N ILE A 954 -11.01 9.14 -4.30
CA ILE A 954 -12.07 9.18 -3.30
C ILE A 954 -11.88 10.36 -2.36
N ASP A 955 -10.63 10.69 -2.00
CA ASP A 955 -10.39 11.86 -1.14
C ASP A 955 -10.89 13.13 -1.81
N LYS A 956 -10.48 13.36 -3.05
CA LYS A 956 -10.89 14.57 -3.76
C LYS A 956 -12.40 14.65 -3.88
N LEU A 957 -13.07 13.52 -4.11
CA LEU A 957 -14.52 13.54 -4.26
C LEU A 957 -15.25 13.70 -2.92
N ASN A 958 -14.55 13.57 -1.79
CA ASN A 958 -15.14 13.94 -0.49
C ASN A 958 -15.41 15.44 -0.41
N TYR A 959 -14.60 16.25 -1.09
CA TYR A 959 -14.79 17.70 -1.13
C TYR A 959 -14.16 18.22 -2.42
N MET A 960 -14.93 18.18 -3.49
CA MET A 960 -14.40 18.43 -4.82
C MET A 960 -14.64 19.89 -5.16
N VAL A 961 -13.56 20.61 -5.41
CA VAL A 961 -13.62 22.05 -5.61
C VAL A 961 -13.04 22.35 -6.99
N ASP A 962 -13.77 23.13 -7.77
CA ASP A 962 -13.15 23.73 -8.96
C ASP A 962 -12.51 25.03 -8.50
N LYS A 963 -11.20 24.99 -8.35
CA LYS A 963 -10.35 26.11 -7.96
C LYS A 963 -10.66 27.37 -8.75
N LYS A 964 -11.03 27.23 -10.02
CA LYS A 964 -11.32 28.41 -10.80
C LYS A 964 -12.70 29.00 -10.49
N SER A 965 -13.62 28.18 -9.98
CA SER A 965 -14.97 28.65 -9.74
C SER A 965 -14.97 29.81 -8.75
N ASN A 966 -16.07 30.51 -8.71
CA ASN A 966 -16.29 31.49 -7.67
C ASN A 966 -16.43 30.77 -6.34
N PRO A 967 -15.75 31.21 -5.28
CA PRO A 967 -15.84 30.47 -3.99
C PRO A 967 -17.26 30.30 -3.47
N CYS A 968 -18.18 31.24 -3.76
CA CYS A 968 -19.56 31.11 -3.34
C CYS A 968 -20.42 30.33 -4.34
N ALA A 969 -19.92 30.11 -5.54
CA ALA A 969 -20.63 29.28 -6.49
C ALA A 969 -20.63 27.81 -6.05
N THR A 970 -21.67 27.09 -6.45
CA THR A 970 -21.63 25.64 -6.37
C THR A 970 -20.32 25.14 -6.99
N GLY A 971 -19.66 24.21 -6.31
CA GLY A 971 -18.39 23.68 -6.77
C GLY A 971 -17.20 24.55 -6.48
N GLY A 972 -17.40 25.77 -6.00
CA GLY A 972 -16.32 26.59 -5.50
C GLY A 972 -15.84 26.15 -4.12
N ALA A 973 -14.85 26.87 -3.61
CA ALA A 973 -14.14 26.42 -2.41
C ALA A 973 -15.02 26.36 -1.15
N LEU A 974 -16.03 27.21 -1.07
CA LEU A 974 -16.94 27.22 0.08
C LEU A 974 -18.13 26.29 -0.10
N LYS A 975 -18.28 25.68 -1.27
CA LYS A 975 -19.46 24.89 -1.55
C LYS A 975 -19.03 23.71 -2.42
N GLY A 976 -17.99 22.99 -1.95
CA GLY A 976 -17.48 21.85 -2.68
C GLY A 976 -18.51 20.74 -2.81
N TYR A 977 -18.32 19.91 -3.86
CA TYR A 977 -19.18 18.75 -4.07
C TYR A 977 -18.69 17.58 -3.21
N GLN A 978 -19.63 16.84 -2.65
CA GLN A 978 -19.33 15.65 -1.86
C GLN A 978 -20.11 14.49 -2.50
N ILE A 979 -19.48 13.85 -3.47
CA ILE A 979 -20.11 12.80 -4.25
C ILE A 979 -19.49 11.43 -3.98
N THR A 980 -18.60 11.32 -3.00
CA THR A 980 -18.25 10.05 -2.39
C THR A 980 -18.51 10.15 -0.90
N ASN A 981 -18.79 9.01 -0.27
CA ASN A 981 -18.98 9.03 1.17
C ASN A 981 -17.66 9.33 1.86
N LYS A 982 -17.76 9.82 3.08
CA LYS A 982 -16.58 10.21 3.83
C LYS A 982 -15.63 9.05 3.96
N PHE A 983 -14.39 9.25 3.51
CA PHE A 983 -13.43 8.14 3.54
C PHE A 983 -13.14 7.75 4.99
N GLU A 984 -13.66 6.62 5.42
CA GLU A 984 -13.23 6.07 6.69
C GLU A 984 -12.16 5.00 6.54
N SER A 985 -12.29 4.09 5.57
CA SER A 985 -11.41 2.93 5.41
C SER A 985 -11.83 2.17 4.16
N PHE A 986 -10.89 1.43 3.57
CA PHE A 986 -11.26 0.50 2.50
C PHE A 986 -12.07 -0.68 3.02
N LYS A 987 -11.61 -1.29 4.11
CA LYS A 987 -12.34 -2.24 4.98
C LYS A 987 -13.85 -2.19 4.77
N SER A 988 -14.42 -0.99 4.84
CA SER A 988 -15.84 -0.79 5.05
C SER A 988 -16.57 -0.32 3.80
N MET A 989 -15.96 -0.47 2.64
CA MET A 989 -16.57 0.03 1.42
C MET A 989 -17.46 -1.03 0.79
N SER A 990 -18.50 -0.56 0.10
CA SER A 990 -19.34 -1.45 -0.67
C SER A 990 -18.91 -1.36 -2.13
N THR A 991 -19.76 -1.88 -3.05
CA THR A 991 -19.53 -1.72 -4.49
C THR A 991 -20.06 -0.40 -5.03
N GLN A 992 -20.60 0.49 -4.20
CA GLN A 992 -20.92 1.84 -4.65
C GLN A 992 -20.41 2.82 -3.62
N ASN A 993 -19.63 3.80 -4.06
CA ASN A 993 -19.18 4.91 -3.23
C ASN A 993 -19.69 6.19 -3.88
N GLY A 994 -20.97 6.47 -3.68
CA GLY A 994 -21.59 7.66 -4.23
C GLY A 994 -21.63 7.67 -5.74
N PHE A 995 -20.85 8.57 -6.35
CA PHE A 995 -20.75 8.61 -7.80
C PHE A 995 -19.89 7.49 -8.39
N ILE A 996 -19.21 6.70 -7.56
CA ILE A 996 -18.31 5.64 -8.06
C ILE A 996 -19.00 4.30 -7.93
N PHE A 997 -19.05 3.54 -9.03
CA PHE A 997 -19.61 2.20 -9.02
C PHE A 997 -18.54 1.21 -9.42
N TYR A 998 -18.49 0.08 -8.70
CA TYR A 998 -17.56 -1.02 -8.95
C TYR A 998 -18.36 -2.22 -9.45
N ILE A 999 -18.03 -2.69 -10.66
CA ILE A 999 -18.86 -3.69 -11.33
C ILE A 999 -17.97 -4.89 -11.65
N PRO A 1000 -18.59 -6.04 -11.92
CA PRO A 1000 -17.81 -7.25 -12.26
C PRO A 1000 -17.02 -7.07 -13.55
N ALA A 1001 -15.73 -7.37 -13.50
CA ALA A 1001 -14.82 -7.13 -14.62
C ALA A 1001 -14.95 -8.16 -15.74
N TRP A 1002 -15.69 -9.23 -15.49
CA TRP A 1002 -15.64 -10.45 -16.30
C TRP A 1002 -15.96 -10.14 -17.76
N LEU A 1003 -15.00 -10.42 -18.63
CA LEU A 1003 -15.18 -10.31 -20.06
C LEU A 1003 -15.55 -8.89 -20.48
N THR A 1004 -14.82 -7.91 -19.93
CA THR A 1004 -14.98 -6.53 -20.35
C THR A 1004 -13.98 -6.17 -21.43
N SER A 1005 -12.88 -6.92 -21.52
CA SER A 1005 -11.79 -6.72 -22.45
C SER A 1005 -11.77 -7.79 -23.54
N LYS A 1006 -11.79 -9.08 -23.15
CA LYS A 1006 -11.77 -10.19 -24.10
C LYS A 1006 -13.17 -10.45 -24.67
N ILE A 1007 -13.73 -9.44 -25.33
CA ILE A 1007 -15.04 -9.50 -25.97
C ILE A 1007 -15.00 -8.63 -27.21
N ASP A 1008 -15.62 -9.11 -28.29
CA ASP A 1008 -15.71 -8.36 -29.54
C ASP A 1008 -16.80 -7.32 -29.37
N PRO A 1009 -16.45 -6.03 -29.32
CA PRO A 1009 -17.46 -4.99 -29.05
C PRO A 1009 -18.49 -4.85 -30.17
N SER A 1010 -18.21 -5.36 -31.37
CA SER A 1010 -19.09 -5.13 -32.49
C SER A 1010 -20.12 -6.24 -32.67
N THR A 1011 -19.88 -7.42 -32.08
CA THR A 1011 -20.82 -8.52 -32.08
C THR A 1011 -21.25 -8.95 -30.69
N GLY A 1012 -20.45 -8.66 -29.66
CA GLY A 1012 -20.63 -9.28 -28.38
C GLY A 1012 -19.98 -10.64 -28.24
N PHE A 1013 -19.26 -11.11 -29.25
CA PHE A 1013 -18.70 -12.46 -29.22
C PHE A 1013 -17.63 -12.58 -28.13
N VAL A 1014 -17.64 -13.72 -27.44
CA VAL A 1014 -16.62 -14.05 -26.45
C VAL A 1014 -16.20 -15.49 -26.66
N ASN A 1015 -15.01 -15.83 -26.14
CA ASN A 1015 -14.50 -17.20 -26.27
C ASN A 1015 -14.90 -18.01 -25.05
N LEU A 1016 -15.94 -18.82 -25.18
CA LEU A 1016 -16.35 -19.69 -24.10
C LEU A 1016 -15.91 -21.14 -24.30
N LEU A 1017 -15.02 -21.42 -25.27
CA LEU A 1017 -14.52 -22.76 -25.49
C LEU A 1017 -13.32 -23.05 -24.60
N LYS A 1018 -13.25 -24.28 -24.09
CA LYS A 1018 -12.07 -24.79 -23.41
C LYS A 1018 -11.24 -25.54 -24.44
N THR A 1019 -10.05 -25.03 -24.74
CA THR A 1019 -9.26 -25.55 -25.85
C THR A 1019 -7.86 -26.02 -25.46
N LYS A 1020 -7.59 -26.21 -24.17
CA LYS A 1020 -6.34 -26.87 -23.78
C LYS A 1020 -6.36 -28.30 -24.27
N TYR A 1021 -5.26 -28.75 -24.85
CA TYR A 1021 -5.17 -30.14 -25.27
C TYR A 1021 -5.14 -31.05 -24.06
N THR A 1022 -6.01 -32.05 -24.06
CA THR A 1022 -6.03 -33.02 -22.96
C THR A 1022 -5.83 -34.45 -23.45
N SER A 1023 -6.57 -34.89 -24.48
CA SER A 1023 -6.33 -36.21 -25.04
C SER A 1023 -6.79 -36.27 -26.50
N ILE A 1024 -6.39 -37.34 -27.18
CA ILE A 1024 -6.82 -37.57 -28.56
C ILE A 1024 -8.34 -37.66 -28.64
N ALA A 1025 -8.95 -38.46 -27.76
CA ALA A 1025 -10.39 -38.66 -27.83
C ALA A 1025 -11.16 -37.37 -27.54
N ASP A 1026 -10.67 -36.56 -26.60
CA ASP A 1026 -11.29 -35.26 -26.31
C ASP A 1026 -11.17 -34.32 -27.51
N SER A 1027 -10.01 -34.35 -28.17
CA SER A 1027 -9.82 -33.53 -29.36
C SER A 1027 -10.77 -33.96 -30.47
N LYS A 1028 -10.94 -35.28 -30.65
CA LYS A 1028 -11.91 -35.76 -31.64
C LYS A 1028 -13.32 -35.30 -31.29
N LYS A 1029 -13.67 -35.38 -30.01
CA LYS A 1029 -15.00 -34.93 -29.57
C LYS A 1029 -15.16 -33.43 -29.75
N PHE A 1030 -14.08 -32.67 -29.57
CA PHE A 1030 -14.14 -31.23 -29.76
C PHE A 1030 -14.35 -30.89 -31.24
N ILE A 1031 -13.50 -31.44 -32.12
CA ILE A 1031 -13.62 -31.24 -33.56
C ILE A 1031 -15.01 -31.63 -34.04
N SER A 1032 -15.56 -32.73 -33.51
CA SER A 1032 -16.84 -33.26 -33.98
C SER A 1032 -18.02 -32.43 -33.53
N SER A 1033 -17.86 -31.62 -32.48
CA SER A 1033 -18.96 -30.81 -31.99
C SER A 1033 -19.21 -29.55 -32.83
N PHE A 1034 -18.30 -29.19 -33.74
CA PHE A 1034 -18.61 -28.11 -34.65
C PHE A 1034 -19.65 -28.58 -35.66
N ASP A 1035 -20.48 -27.65 -36.12
CA ASP A 1035 -21.44 -28.02 -37.15
C ASP A 1035 -20.75 -28.22 -38.49
N ARG A 1036 -19.68 -27.46 -38.76
CA ARG A 1036 -18.91 -27.61 -40.00
C ARG A 1036 -17.52 -27.02 -39.79
N ILE A 1037 -16.53 -27.67 -40.38
CA ILE A 1037 -15.19 -27.10 -40.53
C ILE A 1037 -14.80 -27.25 -41.99
N MET A 1038 -14.59 -26.12 -42.67
CA MET A 1038 -14.28 -26.16 -44.10
C MET A 1038 -13.39 -24.99 -44.48
N TYR A 1039 -12.63 -25.19 -45.57
CA TYR A 1039 -11.88 -24.13 -46.21
C TYR A 1039 -12.79 -23.37 -47.17
N VAL A 1040 -12.64 -22.05 -47.21
CA VAL A 1040 -13.46 -21.20 -48.06
C VAL A 1040 -12.61 -20.59 -49.17
N PRO A 1041 -12.61 -21.20 -50.36
CA PRO A 1041 -11.70 -20.73 -51.43
C PRO A 1041 -11.86 -19.28 -51.80
N GLU A 1042 -13.08 -18.76 -51.87
CA GLU A 1042 -13.30 -17.40 -52.36
C GLU A 1042 -12.85 -16.33 -51.36
N GLU A 1043 -12.52 -16.73 -50.12
CA GLU A 1043 -12.05 -15.80 -49.11
C GLU A 1043 -10.66 -16.16 -48.60
N ASP A 1044 -10.09 -17.27 -49.04
CA ASP A 1044 -8.85 -17.83 -48.48
C ASP A 1044 -8.90 -17.82 -46.94
N LEU A 1045 -9.97 -18.38 -46.38
CA LEU A 1045 -10.11 -18.50 -44.95
C LEU A 1045 -10.69 -19.86 -44.59
N PHE A 1046 -10.39 -20.31 -43.38
CA PHE A 1046 -11.04 -21.49 -42.84
C PHE A 1046 -12.23 -21.04 -41.99
N GLU A 1047 -13.38 -21.69 -42.19
CA GLU A 1047 -14.60 -21.41 -41.44
C GLU A 1047 -14.88 -22.54 -40.47
N PHE A 1048 -15.23 -22.19 -39.24
CA PHE A 1048 -15.53 -23.12 -38.15
C PHE A 1048 -16.92 -22.77 -37.62
N ALA A 1049 -17.96 -23.44 -38.11
CA ALA A 1049 -19.31 -23.11 -37.66
C ALA A 1049 -19.61 -23.84 -36.35
N LEU A 1050 -19.96 -23.10 -35.31
CA LEU A 1050 -20.26 -23.71 -34.02
C LEU A 1050 -21.60 -23.26 -33.47
N ASP A 1051 -22.28 -24.19 -32.79
CA ASP A 1051 -23.41 -23.89 -31.92
C ASP A 1051 -22.93 -24.13 -30.49
N TYR A 1052 -22.84 -23.05 -29.71
CA TYR A 1052 -22.34 -23.15 -28.34
C TYR A 1052 -23.08 -24.18 -27.47
N LYS A 1053 -24.33 -24.52 -27.78
CA LYS A 1053 -24.99 -25.51 -26.92
C LYS A 1053 -24.38 -26.91 -27.03
N ASN A 1054 -23.52 -27.16 -28.01
CA ASN A 1054 -22.83 -28.43 -28.15
C ASN A 1054 -21.54 -28.54 -27.34
N PHE A 1055 -21.24 -27.54 -26.52
CA PHE A 1055 -19.95 -27.42 -25.87
C PHE A 1055 -20.12 -27.22 -24.37
N SER A 1056 -19.09 -27.61 -23.63
CA SER A 1056 -19.19 -27.65 -22.17
C SER A 1056 -19.20 -26.25 -21.56
N ARG A 1057 -20.10 -26.04 -20.60
CA ARG A 1057 -20.17 -24.83 -19.80
C ARG A 1057 -20.11 -23.56 -20.66
N THR A 1058 -21.02 -23.47 -21.64
CA THR A 1058 -21.16 -22.25 -22.44
C THR A 1058 -22.51 -21.57 -22.22
N ASP A 1059 -23.23 -21.91 -21.15
CA ASP A 1059 -24.60 -21.45 -20.97
C ASP A 1059 -24.75 -19.92 -21.01
N ALA A 1060 -23.71 -19.18 -20.62
CA ALA A 1060 -23.86 -17.73 -20.53
C ALA A 1060 -24.14 -17.08 -21.89
N ASP A 1061 -23.63 -17.68 -22.97
CA ASP A 1061 -23.81 -17.05 -24.26
C ASP A 1061 -25.28 -16.93 -24.61
N TYR A 1062 -25.60 -15.86 -25.31
CA TYR A 1062 -26.98 -15.58 -25.71
C TYR A 1062 -27.24 -15.92 -27.18
N ILE A 1063 -26.33 -15.54 -28.06
CA ILE A 1063 -26.50 -15.76 -29.50
C ILE A 1063 -26.27 -17.24 -29.87
N LYS A 1064 -25.34 -17.93 -29.20
CA LYS A 1064 -25.13 -19.37 -29.31
C LYS A 1064 -24.51 -19.82 -30.64
N LYS A 1065 -24.96 -19.27 -31.77
CA LYS A 1065 -24.54 -19.74 -33.09
C LYS A 1065 -23.59 -18.74 -33.73
N TRP A 1066 -22.37 -19.21 -34.03
CA TRP A 1066 -21.28 -18.35 -34.51
C TRP A 1066 -20.51 -19.02 -35.63
N LYS A 1067 -19.95 -18.22 -36.52
CA LYS A 1067 -19.05 -18.70 -37.56
C LYS A 1067 -17.68 -18.08 -37.34
N LEU A 1068 -16.71 -18.89 -36.95
CA LEU A 1068 -15.34 -18.44 -36.71
C LEU A 1068 -14.49 -18.56 -37.95
N TYR A 1069 -13.60 -17.59 -38.18
CA TYR A 1069 -12.73 -17.60 -39.34
C TYR A 1069 -11.27 -17.44 -38.92
N SER A 1070 -10.38 -17.97 -39.75
CA SER A 1070 -8.94 -17.88 -39.51
C SER A 1070 -8.40 -16.53 -39.96
N TYR A 1071 -9.04 -15.43 -39.55
CA TYR A 1071 -8.74 -14.14 -40.15
C TYR A 1071 -7.65 -13.42 -39.37
N GLY A 1072 -6.67 -12.87 -40.11
CA GLY A 1072 -5.57 -12.08 -39.56
C GLY A 1072 -4.52 -12.89 -38.82
N ASN A 1073 -3.71 -12.18 -38.05
CA ASN A 1073 -2.62 -12.78 -37.32
C ASN A 1073 -2.92 -12.82 -35.82
N ARG A 1074 -2.03 -13.49 -35.08
CA ARG A 1074 -2.05 -13.54 -33.63
C ARG A 1074 -0.63 -13.54 -33.08
N ILE A 1075 -0.49 -13.09 -31.84
CA ILE A 1075 0.79 -13.12 -31.14
C ILE A 1075 0.76 -14.26 -30.14
N ARG A 1076 1.54 -15.31 -30.39
CA ARG A 1076 1.62 -16.41 -29.44
C ARG A 1076 2.68 -16.09 -28.39
N ILE A 1077 2.30 -16.27 -27.11
CA ILE A 1077 3.17 -16.07 -25.97
C ILE A 1077 3.66 -17.42 -25.48
N PHE A 1078 4.96 -17.55 -25.23
CA PHE A 1078 5.57 -18.78 -24.76
C PHE A 1078 6.97 -18.45 -24.24
N ARG A 1079 7.59 -19.41 -23.55
CA ARG A 1079 8.94 -19.21 -23.01
C ARG A 1079 9.91 -20.27 -23.50
N ASP A 1088 9.01 -15.44 -24.57
CA ASP A 1088 9.19 -14.97 -25.94
C ASP A 1088 7.83 -14.91 -26.67
N TRP A 1089 7.85 -14.40 -27.90
CA TRP A 1089 6.64 -14.33 -28.70
C TRP A 1089 6.97 -14.58 -30.17
N GLU A 1090 5.99 -15.08 -30.90
CA GLU A 1090 6.05 -15.15 -32.36
C GLU A 1090 4.70 -14.75 -32.94
N GLU A 1091 4.75 -14.07 -34.08
CA GLU A 1091 3.54 -13.78 -34.85
C GLU A 1091 3.11 -15.01 -35.63
N VAL A 1092 1.80 -15.21 -35.73
CA VAL A 1092 1.24 -16.36 -36.43
C VAL A 1092 0.21 -15.84 -37.43
N CYS A 1093 0.34 -16.25 -38.69
CA CYS A 1093 -0.71 -16.03 -39.67
C CYS A 1093 -1.62 -17.25 -39.67
N LEU A 1094 -2.88 -17.06 -39.27
CA LEU A 1094 -3.74 -18.19 -38.90
C LEU A 1094 -4.03 -19.10 -40.09
N THR A 1095 -4.47 -18.52 -41.21
CA THR A 1095 -4.75 -19.33 -42.39
C THR A 1095 -3.53 -20.13 -42.82
N SER A 1096 -2.38 -19.44 -42.92
CA SER A 1096 -1.16 -20.11 -43.37
C SER A 1096 -0.71 -21.19 -42.39
N ALA A 1097 -0.91 -20.97 -41.09
CA ALA A 1097 -0.55 -22.00 -40.11
C ALA A 1097 -1.45 -23.22 -40.22
N TYR A 1098 -2.76 -23.01 -40.40
CA TYR A 1098 -3.66 -24.14 -40.62
C TYR A 1098 -3.26 -24.95 -41.85
N LYS A 1099 -2.85 -24.26 -42.93
CA LYS A 1099 -2.39 -24.97 -44.12
C LYS A 1099 -1.11 -25.74 -43.83
N GLU A 1100 -0.22 -25.18 -43.01
CA GLU A 1100 1.00 -25.89 -42.67
C GLU A 1100 0.69 -27.16 -41.89
N LEU A 1101 -0.20 -27.05 -40.90
CA LEU A 1101 -0.54 -28.18 -40.07
C LEU A 1101 -1.19 -29.30 -40.87
N PHE A 1102 -2.22 -28.96 -41.67
CA PHE A 1102 -2.88 -29.98 -42.48
C PHE A 1102 -1.93 -30.60 -43.50
N ASN A 1103 -1.02 -29.80 -44.07
CA ASN A 1103 -0.06 -30.36 -45.00
C ASN A 1103 0.96 -31.23 -44.29
N LYS A 1104 1.29 -30.91 -43.05
CA LYS A 1104 2.25 -31.72 -42.32
C LYS A 1104 1.76 -33.13 -42.13
N TYR A 1105 0.44 -33.34 -42.09
CA TYR A 1105 -0.14 -34.66 -41.85
C TYR A 1105 -0.87 -35.21 -43.06
N GLY A 1106 -0.53 -34.74 -44.26
CA GLY A 1106 -1.16 -35.21 -45.49
C GLY A 1106 -2.66 -34.96 -45.61
N ILE A 1107 -3.18 -33.95 -44.93
CA ILE A 1107 -4.62 -33.74 -44.87
C ILE A 1107 -5.07 -32.95 -46.10
N ASN A 1108 -6.11 -33.44 -46.78
CA ASN A 1108 -6.65 -32.76 -47.95
C ASN A 1108 -7.71 -31.76 -47.49
N TYR A 1109 -7.25 -30.57 -47.10
CA TYR A 1109 -8.14 -29.65 -46.42
C TYR A 1109 -9.12 -28.94 -47.36
N GLN A 1110 -9.16 -29.32 -48.65
CA GLN A 1110 -10.11 -28.76 -49.58
C GLN A 1110 -11.40 -29.57 -49.70
N GLN A 1111 -11.51 -30.70 -48.99
CA GLN A 1111 -12.59 -31.66 -49.18
C GLN A 1111 -13.88 -31.25 -48.46
N GLY A 1112 -14.40 -30.07 -48.82
CA GLY A 1112 -15.61 -29.59 -48.18
C GLY A 1112 -15.52 -29.63 -46.66
N ASP A 1113 -16.57 -30.13 -46.02
CA ASP A 1113 -16.57 -30.32 -44.58
C ASP A 1113 -15.52 -31.37 -44.21
N ILE A 1114 -14.65 -31.03 -43.26
CA ILE A 1114 -13.40 -31.73 -43.11
C ILE A 1114 -13.23 -32.37 -41.73
N ARG A 1115 -14.25 -32.32 -40.87
CA ARG A 1115 -14.04 -32.70 -39.48
C ARG A 1115 -13.95 -34.20 -39.31
N ALA A 1116 -14.76 -34.95 -40.04
CA ALA A 1116 -14.58 -36.41 -40.04
C ALA A 1116 -13.17 -36.76 -40.50
N LEU A 1117 -12.70 -36.12 -41.57
CA LEU A 1117 -11.35 -36.38 -42.06
C LEU A 1117 -10.31 -36.08 -41.00
N LEU A 1118 -10.49 -34.99 -40.24
CA LEU A 1118 -9.53 -34.63 -39.20
C LEU A 1118 -9.53 -35.67 -38.08
N CYS A 1119 -10.69 -36.23 -37.75
CA CYS A 1119 -10.75 -37.23 -36.70
C CYS A 1119 -10.14 -38.55 -37.11
N GLU A 1120 -9.74 -38.72 -38.38
CA GLU A 1120 -9.03 -39.91 -38.79
C GLU A 1120 -7.56 -39.91 -38.40
N GLN A 1121 -7.02 -38.75 -37.99
CA GLN A 1121 -5.64 -38.71 -37.55
C GLN A 1121 -5.43 -39.60 -36.33
N SER A 1122 -4.25 -40.21 -36.25
CA SER A 1122 -3.86 -40.96 -35.07
C SER A 1122 -2.77 -40.29 -34.26
N ASP A 1123 -2.01 -39.37 -34.86
CA ASP A 1123 -0.90 -38.73 -34.19
C ASP A 1123 -1.41 -37.77 -33.12
N LYS A 1124 -0.87 -37.92 -31.89
CA LYS A 1124 -1.23 -36.98 -30.83
C LYS A 1124 -0.78 -35.57 -31.17
N ALA A 1125 0.33 -35.41 -31.91
CA ALA A 1125 0.84 -34.08 -32.20
C ALA A 1125 -0.11 -33.28 -33.06
N PHE A 1126 -0.76 -33.92 -34.04
CA PHE A 1126 -1.76 -33.22 -34.84
C PHE A 1126 -2.83 -32.58 -33.95
N TYR A 1127 -3.53 -33.41 -33.16
CA TYR A 1127 -4.63 -32.92 -32.35
C TYR A 1127 -4.15 -31.86 -31.36
N SER A 1128 -2.91 -31.99 -30.90
CA SER A 1128 -2.37 -31.00 -29.96
C SER A 1128 -2.07 -29.68 -30.67
N SER A 1129 -1.44 -29.75 -31.86
CA SER A 1129 -1.16 -28.53 -32.61
C SER A 1129 -2.44 -27.87 -33.08
N PHE A 1130 -3.48 -28.68 -33.32
CA PHE A 1130 -4.75 -28.14 -33.78
C PHE A 1130 -5.48 -27.39 -32.67
N MET A 1131 -5.51 -27.95 -31.46
CA MET A 1131 -6.09 -27.23 -30.32
C MET A 1131 -5.34 -25.92 -30.05
N ALA A 1132 -4.01 -25.96 -30.18
CA ALA A 1132 -3.23 -24.73 -30.01
C ALA A 1132 -3.63 -23.65 -31.02
N LEU A 1133 -3.78 -24.04 -32.30
CA LEU A 1133 -4.19 -23.05 -33.30
C LEU A 1133 -5.59 -22.50 -33.00
N MET A 1134 -6.52 -23.37 -32.61
CA MET A 1134 -7.85 -22.91 -32.19
C MET A 1134 -7.75 -21.87 -31.08
N SER A 1135 -6.90 -22.12 -30.07
CA SER A 1135 -6.69 -21.15 -29.00
C SER A 1135 -6.22 -19.80 -29.54
N LEU A 1136 -5.20 -19.82 -30.40
CA LEU A 1136 -4.73 -18.57 -31.00
C LEU A 1136 -5.84 -17.88 -31.76
N MET A 1137 -6.69 -18.64 -32.46
CA MET A 1137 -7.79 -18.01 -33.19
C MET A 1137 -8.79 -17.36 -32.24
N LEU A 1138 -9.09 -18.02 -31.12
CA LEU A 1138 -10.02 -17.45 -30.17
C LEU A 1138 -9.38 -16.41 -29.26
N GLN A 1139 -8.07 -16.19 -29.38
CA GLN A 1139 -7.35 -15.18 -28.62
C GLN A 1139 -7.51 -13.86 -29.36
N MET A 1140 -8.48 -13.07 -28.90
CA MET A 1140 -8.78 -11.79 -29.53
C MET A 1140 -7.79 -10.70 -29.11
N ARG A 1141 -7.41 -10.68 -27.83
CA ARG A 1141 -6.41 -9.73 -27.37
C ARG A 1141 -5.00 -10.27 -27.65
N ASN A 1142 -4.15 -9.40 -28.19
CA ASN A 1142 -2.83 -9.77 -28.66
C ASN A 1142 -1.87 -8.63 -28.38
N SER A 1143 -0.75 -8.92 -27.73
CA SER A 1143 0.20 -7.85 -27.46
C SER A 1143 1.58 -8.44 -27.24
N ILE A 1144 2.59 -7.58 -27.34
CA ILE A 1144 3.95 -7.91 -26.97
C ILE A 1144 4.24 -7.35 -25.58
N THR A 1145 4.98 -8.12 -24.78
CA THR A 1145 5.23 -7.72 -23.39
C THR A 1145 6.11 -6.48 -23.33
N GLY A 1146 5.77 -5.57 -22.42
CA GLY A 1146 6.46 -4.31 -22.26
C GLY A 1146 6.52 -3.50 -23.54
N ARG A 1147 5.36 -3.23 -24.14
CA ARG A 1147 5.31 -2.65 -25.48
C ARG A 1147 4.09 -1.77 -25.65
N THR A 1148 4.31 -0.58 -26.24
CA THR A 1148 3.22 0.28 -26.66
C THR A 1148 2.62 -0.18 -27.98
N ASP A 1149 3.47 -0.55 -28.93
CA ASP A 1149 3.15 -0.67 -30.35
C ASP A 1149 2.26 -1.86 -30.70
N VAL A 1150 1.98 -2.77 -29.77
CA VAL A 1150 1.11 -3.91 -30.03
C VAL A 1150 0.21 -4.12 -28.82
N ASP A 1151 -1.08 -3.85 -28.98
CA ASP A 1151 -2.08 -4.31 -28.02
C ASP A 1151 -3.45 -4.40 -28.69
N PHE A 1152 -3.49 -5.02 -29.86
CA PHE A 1152 -4.70 -4.93 -30.66
C PHE A 1152 -5.69 -6.02 -30.28
N LEU A 1153 -6.96 -5.73 -30.60
CA LEU A 1153 -8.11 -6.60 -30.37
C LEU A 1153 -8.68 -6.96 -31.72
N ILE A 1154 -8.74 -8.26 -32.02
CA ILE A 1154 -9.24 -8.72 -33.31
C ILE A 1154 -10.18 -9.90 -33.09
N SER A 1155 -11.26 -9.94 -33.85
CA SER A 1155 -12.33 -10.90 -33.65
C SER A 1155 -12.37 -11.91 -34.79
N PRO A 1156 -12.55 -13.19 -34.49
CA PRO A 1156 -12.70 -14.20 -35.56
C PRO A 1156 -14.12 -14.34 -36.04
N VAL A 1157 -14.98 -13.38 -35.71
CA VAL A 1157 -16.39 -13.40 -36.06
C VAL A 1157 -16.68 -12.20 -36.95
N LYS A 1158 -17.60 -12.37 -37.90
CA LYS A 1158 -18.01 -11.24 -38.72
C LYS A 1158 -19.22 -10.55 -38.08
N ASN A 1159 -19.31 -9.25 -38.29
CA ASN A 1159 -20.51 -8.51 -37.89
C ASN A 1159 -21.55 -8.60 -39.01
N SER A 1160 -22.71 -7.97 -38.77
CA SER A 1160 -23.85 -8.13 -39.66
C SER A 1160 -23.51 -7.83 -41.11
N ASP A 1161 -22.57 -6.92 -41.35
CA ASP A 1161 -22.14 -6.59 -42.70
C ASP A 1161 -20.98 -7.45 -43.19
N GLY A 1162 -20.60 -8.47 -42.44
CA GLY A 1162 -19.55 -9.37 -42.89
C GLY A 1162 -18.13 -8.86 -42.75
N ILE A 1163 -17.86 -8.02 -41.76
CA ILE A 1163 -16.49 -7.58 -41.55
C ILE A 1163 -16.05 -7.92 -40.12
N PHE A 1164 -14.76 -8.20 -40.00
CA PHE A 1164 -14.12 -8.55 -38.75
C PHE A 1164 -13.74 -7.30 -38.00
N TYR A 1165 -14.13 -7.23 -36.73
CA TYR A 1165 -13.70 -6.09 -35.94
C TYR A 1165 -12.21 -6.21 -35.66
N ASP A 1166 -11.50 -5.09 -35.85
CA ASP A 1166 -10.04 -5.02 -35.76
C ASP A 1166 -9.70 -3.63 -35.21
N SER A 1167 -9.42 -3.57 -33.91
CA SER A 1167 -9.21 -2.29 -33.24
C SER A 1167 -8.22 -1.41 -33.99
N ARG A 1168 -7.26 -2.01 -34.70
CA ARG A 1168 -6.26 -1.21 -35.42
C ARG A 1168 -6.88 -0.35 -36.51
N ASN A 1169 -8.06 -0.69 -37.01
CA ASN A 1169 -8.75 0.22 -37.92
C ASN A 1169 -9.30 1.44 -37.19
N TYR A 1170 -9.52 1.35 -35.89
CA TYR A 1170 -10.02 2.46 -35.10
C TYR A 1170 -8.92 3.22 -34.37
N GLU A 1171 -7.83 2.54 -34.01
CA GLU A 1171 -6.67 3.21 -33.43
C GLU A 1171 -6.16 4.30 -34.38
N ALA A 1172 -6.33 4.10 -35.68
CA ALA A 1172 -5.97 5.14 -36.65
C ALA A 1172 -6.86 6.36 -36.48
N GLN A 1173 -8.18 6.18 -36.51
CA GLN A 1173 -9.12 7.30 -36.53
C GLN A 1173 -8.99 8.13 -35.27
N GLU A 1174 -8.95 9.46 -35.43
CA GLU A 1174 -8.91 10.35 -34.26
C GLU A 1174 -10.22 10.27 -33.46
N ASN A 1175 -11.36 10.11 -34.13
CA ASN A 1175 -12.68 10.07 -33.50
C ASN A 1175 -13.35 8.75 -33.83
N ALA A 1176 -13.08 7.72 -33.02
CA ALA A 1176 -13.56 6.38 -33.32
C ALA A 1176 -14.88 6.08 -32.62
N ILE A 1177 -15.77 5.39 -33.35
CA ILE A 1177 -17.06 4.92 -32.86
C ILE A 1177 -16.91 3.67 -31.99
N LEU A 1178 -15.86 2.90 -32.19
CA LEU A 1178 -15.63 1.68 -31.43
C LEU A 1178 -14.31 1.78 -30.69
N PRO A 1179 -14.03 0.89 -29.74
CA PRO A 1179 -12.77 0.98 -28.99
C PRO A 1179 -11.54 0.90 -29.89
N LYS A 1180 -10.57 1.76 -29.60
CA LYS A 1180 -9.33 1.85 -30.38
C LYS A 1180 -8.33 0.76 -30.04
N ASN A 1181 -8.54 -0.02 -28.98
CA ASN A 1181 -7.61 -1.07 -28.57
C ASN A 1181 -8.27 -1.82 -27.41
N ALA A 1182 -7.57 -2.84 -26.90
CA ALA A 1182 -8.19 -3.75 -25.95
C ALA A 1182 -8.45 -3.07 -24.61
N ASP A 1183 -7.55 -2.18 -24.19
CA ASP A 1183 -7.75 -1.43 -22.95
C ASP A 1183 -8.94 -0.48 -23.07
N ALA A 1184 -9.02 0.25 -24.19
CA ALA A 1184 -10.22 1.05 -24.43
C ALA A 1184 -11.46 0.17 -24.38
N ASN A 1185 -11.38 -1.03 -24.96
CA ASN A 1185 -12.53 -1.91 -24.95
C ASN A 1185 -12.95 -2.23 -23.52
N GLY A 1186 -11.95 -2.45 -22.66
CA GLY A 1186 -12.23 -2.71 -21.25
C GLY A 1186 -12.92 -1.55 -20.57
N ALA A 1187 -12.37 -0.34 -20.73
CA ALA A 1187 -12.98 0.83 -20.10
C ALA A 1187 -14.39 1.07 -20.62
N TYR A 1188 -14.55 0.92 -21.94
CA TYR A 1188 -15.86 1.05 -22.57
C TYR A 1188 -16.89 0.13 -21.92
N ASN A 1189 -16.56 -1.16 -21.79
CA ASN A 1189 -17.52 -2.16 -21.33
C ASN A 1189 -17.71 -2.13 -19.82
N ILE A 1190 -16.71 -1.65 -19.08
CA ILE A 1190 -16.91 -1.34 -17.68
C ILE A 1190 -17.97 -0.26 -17.53
N ALA A 1191 -17.89 0.78 -18.37
CA ALA A 1191 -18.90 1.83 -18.35
C ALA A 1191 -20.28 1.26 -18.69
N ARG A 1192 -20.36 0.43 -19.73
CA ARG A 1192 -21.67 -0.13 -20.10
C ARG A 1192 -22.24 -1.02 -19.00
N LYS A 1193 -21.38 -1.76 -18.30
CA LYS A 1193 -21.89 -2.57 -17.20
C LYS A 1193 -22.51 -1.71 -16.10
N VAL A 1194 -22.14 -0.44 -16.02
CA VAL A 1194 -22.81 0.49 -15.14
C VAL A 1194 -24.06 1.09 -15.80
N LEU A 1195 -24.01 1.38 -17.10
CA LEU A 1195 -25.22 1.74 -17.84
C LEU A 1195 -26.32 0.71 -17.60
N TRP A 1196 -25.95 -0.56 -17.49
CA TRP A 1196 -26.93 -1.59 -17.19
C TRP A 1196 -27.47 -1.41 -15.78
N ALA A 1197 -26.60 -1.04 -14.83
CA ALA A 1197 -27.06 -0.83 -13.47
C ALA A 1197 -28.03 0.34 -13.40
N ILE A 1198 -27.74 1.40 -14.16
CA ILE A 1198 -28.67 2.51 -14.33
C ILE A 1198 -29.97 2.03 -14.97
N GLY A 1199 -29.89 1.04 -15.86
CA GLY A 1199 -31.10 0.43 -16.37
C GLY A 1199 -31.91 -0.24 -15.28
N GLN A 1200 -31.22 -0.82 -14.29
CA GLN A 1200 -31.91 -1.49 -13.19
C GLN A 1200 -32.60 -0.48 -12.28
N PHE A 1201 -31.93 0.64 -12.00
CA PHE A 1201 -32.54 1.72 -11.22
C PHE A 1201 -33.81 2.24 -11.91
N LYS A 1202 -33.82 2.25 -13.25
CA LYS A 1202 -35.00 2.72 -13.96
C LYS A 1202 -36.14 1.70 -13.89
N LYS A 1203 -35.82 0.42 -13.76
CA LYS A 1203 -36.87 -0.58 -13.64
C LYS A 1203 -37.56 -0.57 -12.28
N ALA A 1204 -37.01 0.11 -11.27
CA ALA A 1204 -37.42 -0.06 -9.89
C ALA A 1204 -38.06 1.20 -9.33
N GLU A 1205 -38.98 1.01 -8.38
CA GLU A 1205 -39.52 2.15 -7.65
C GLU A 1205 -38.45 2.80 -6.78
N ASP A 1206 -38.67 4.09 -6.47
CA ASP A 1206 -37.69 4.83 -5.68
C ASP A 1206 -37.55 4.24 -4.29
N GLU A 1207 -38.67 3.84 -3.68
CA GLU A 1207 -38.65 3.24 -2.35
C GLU A 1207 -37.65 2.08 -2.27
N LYS A 1208 -37.35 1.44 -3.39
CA LYS A 1208 -36.59 0.19 -3.38
C LYS A 1208 -35.23 0.32 -4.08
N LEU A 1209 -34.84 1.54 -4.48
CA LEU A 1209 -33.61 1.71 -5.24
C LEU A 1209 -32.39 1.22 -4.46
N ASP A 1210 -32.37 1.37 -3.13
CA ASP A 1210 -31.23 0.93 -2.33
C ASP A 1210 -30.96 -0.55 -2.46
N LYS A 1211 -31.96 -1.35 -2.82
CA LYS A 1211 -31.82 -2.79 -2.85
C LYS A 1211 -31.55 -3.33 -4.26
N VAL A 1212 -31.48 -2.46 -5.27
CA VAL A 1212 -31.16 -2.91 -6.62
C VAL A 1212 -29.74 -3.45 -6.64
N LYS A 1213 -29.58 -4.69 -7.08
CA LYS A 1213 -28.25 -5.26 -7.24
C LYS A 1213 -27.61 -4.67 -8.50
N ILE A 1214 -26.34 -4.25 -8.39
CA ILE A 1214 -25.68 -3.56 -9.49
C ILE A 1214 -24.70 -4.44 -10.24
N ALA A 1215 -24.46 -5.65 -9.78
CA ALA A 1215 -23.46 -6.54 -10.37
C ALA A 1215 -24.12 -7.35 -11.47
N ILE A 1216 -23.92 -6.94 -12.72
CA ILE A 1216 -24.47 -7.70 -13.84
C ILE A 1216 -23.91 -9.11 -13.79
N SER A 1217 -24.79 -10.08 -14.01
CA SER A 1217 -24.35 -11.46 -14.11
C SER A 1217 -23.64 -11.67 -15.44
N ASN A 1218 -22.88 -12.76 -15.52
CA ASN A 1218 -22.19 -13.06 -16.75
C ASN A 1218 -23.18 -13.34 -17.88
N LYS A 1219 -24.32 -13.96 -17.56
CA LYS A 1219 -25.33 -14.26 -18.58
C LYS A 1219 -26.07 -13.00 -19.01
N GLU A 1220 -26.40 -12.13 -18.07
CA GLU A 1220 -27.00 -10.85 -18.45
C GLU A 1220 -26.04 -9.99 -19.25
N TRP A 1221 -24.74 -10.10 -18.99
CA TRP A 1221 -23.78 -9.29 -19.73
C TRP A 1221 -23.65 -9.73 -21.18
N LEU A 1222 -23.52 -11.03 -21.42
CA LEU A 1222 -23.41 -11.45 -22.81
C LEU A 1222 -24.67 -11.13 -23.58
N GLU A 1223 -25.84 -11.36 -22.98
CA GLU A 1223 -27.09 -10.95 -23.63
C GLU A 1223 -27.08 -9.45 -23.93
N TYR A 1224 -26.71 -8.65 -22.94
CA TYR A 1224 -26.64 -7.20 -23.12
C TYR A 1224 -25.68 -6.83 -24.23
N ALA A 1225 -24.46 -7.38 -24.18
CA ALA A 1225 -23.46 -7.07 -25.18
C ALA A 1225 -23.83 -7.58 -26.57
N GLN A 1226 -24.56 -8.70 -26.65
CA GLN A 1226 -24.82 -9.30 -27.95
C GLN A 1226 -26.13 -8.81 -28.55
N THR A 1227 -26.92 -8.03 -27.80
CA THR A 1227 -28.11 -7.36 -28.31
C THR A 1227 -27.96 -5.86 -28.41
N SER A 1228 -26.84 -5.29 -27.94
CA SER A 1228 -26.53 -3.89 -28.20
C SER A 1228 -26.29 -3.63 -29.68
N VAL A 1229 -26.09 -4.69 -30.46
CA VAL A 1229 -25.64 -4.60 -31.83
C VAL A 1229 -26.47 -5.53 -32.70
MG MG E . -0.22 29.55 -9.02
C1 EDO F . -2.32 35.14 -1.40
O1 EDO F . -3.33 34.82 -2.36
C2 EDO F . -1.91 36.59 -1.56
O2 EDO F . -3.11 37.39 -1.58
C1 EDO G . -1.30 20.18 13.62
O1 EDO G . -0.12 19.76 12.95
C2 EDO G . -2.25 19.00 13.73
O2 EDO G . -2.72 18.76 12.41
NA NA H . 11.00 -10.52 2.49
#